data_8P5K
#
_entry.id   8P5K
#
_cell.length_a   85.260
_cell.length_b   109.940
_cell.length_c   96.220
_cell.angle_alpha   90.000
_cell.angle_beta   93.775
_cell.angle_gamma   90.000
#
_symmetry.space_group_name_H-M   'P 1 21 1'
#
loop_
_entity.id
_entity.type
_entity.pdbx_description
1 polymer 'Serine/threonine-protein kinase ULK1'
2 non-polymer ~{N}-[3-[[5-cyclopropyl-2-[(2-methyl-3,4-dihydro-1~{H}-isoquinolin-6-yl)amino]pyrimidin-4-yl]amino]propyl]cyclobutanecarboxamide
3 non-polymer GLYCEROL
4 non-polymer 'MAGNESIUM ION'
5 non-polymer 'PHOSPHATE ION'
6 water water
#
_entity_poly.entity_id   1
_entity_poly.type   'polypeptide(L)'
_entity_poly.pdbx_seq_one_letter_code
;SMEPGRGGTETVGKFEFSRKDLIGHGAFAVVFKGRHREKHDLEVAVKCINKKNLAKSQTLLGKEIKILKELKHENIVALY
DFQEMANSVYLVMEYCNGGDLADYLHAMRTLSEDTIRLFLQQIAGAMRLLHSKGIIHRDLKPQNILLSNPAGRRANPNSI
RVKIADFGFARYLQSNMMAA(TPO)LCGSPMYMAPEVIMSQHYDGKADLWSIGTIVYQCLTGKAPFQASSPQDLRLFYEK
NKTLVPTIPAATSAPLRQLLLALLQRNHKDRMDFDEFFHHPFLDASPS
;
_entity_poly.pdbx_strand_id   A,B,C,D
#
# COMPACT_ATOMS: atom_id res chain seq x y z
N THR A 9 25.08 -32.70 8.99
CA THR A 9 25.46 -31.52 8.18
C THR A 9 24.43 -31.23 7.08
N GLU A 10 23.64 -30.15 7.26
CA GLU A 10 22.70 -29.68 6.25
C GLU A 10 23.38 -28.66 5.34
N THR A 11 22.90 -28.54 4.09
CA THR A 11 23.49 -27.59 3.15
C THR A 11 22.41 -26.65 2.61
N VAL A 12 22.83 -25.46 2.22
CA VAL A 12 21.94 -24.41 1.74
C VAL A 12 22.70 -23.64 0.68
N GLY A 13 22.38 -23.83 -0.60
CA GLY A 13 23.17 -23.19 -1.65
C GLY A 13 24.66 -23.54 -1.46
N LYS A 14 25.53 -22.55 -1.51
CA LYS A 14 26.96 -22.75 -1.36
C LYS A 14 27.40 -22.83 0.10
N PHE A 15 26.50 -23.13 1.06
CA PHE A 15 26.81 -22.98 2.48
C PHE A 15 26.37 -24.23 3.23
N GLU A 16 26.95 -24.45 4.42
CA GLU A 16 26.53 -25.58 5.24
C GLU A 16 26.65 -25.25 6.72
N PHE A 17 25.92 -26.03 7.51
CA PHE A 17 25.98 -25.90 8.94
C PHE A 17 25.54 -27.19 9.59
N SER A 18 25.83 -27.29 10.89
CA SER A 18 25.35 -28.37 11.71
C SER A 18 24.49 -27.81 12.84
N ARG A 19 23.38 -28.50 13.12
CA ARG A 19 22.47 -28.09 14.17
C ARG A 19 23.09 -28.22 15.56
N LYS A 20 24.35 -28.65 15.64
CA LYS A 20 25.03 -28.73 16.93
C LYS A 20 25.63 -27.37 17.30
N ASP A 21 25.76 -26.46 16.32
CA ASP A 21 26.43 -25.18 16.52
C ASP A 21 25.39 -24.07 16.68
N LEU A 22 24.48 -24.23 17.65
CA LEU A 22 23.49 -23.22 17.98
C LEU A 22 24.20 -21.99 18.54
N ILE A 23 23.88 -20.81 17.99
CA ILE A 23 24.41 -19.57 18.51
C ILE A 23 23.27 -18.61 18.89
N GLY A 24 22.02 -18.95 18.56
CA GLY A 24 20.92 -18.06 18.90
C GLY A 24 19.57 -18.74 18.76
N HIS A 25 18.58 -18.26 19.52
CA HIS A 25 17.26 -18.84 19.52
CA HIS A 25 17.25 -18.84 19.53
C HIS A 25 16.27 -17.81 20.07
N GLY A 26 15.10 -17.79 19.45
CA GLY A 26 13.93 -17.08 19.91
C GLY A 26 12.70 -17.87 19.48
N ALA A 27 11.53 -17.32 19.76
CA ALA A 27 10.28 -18.04 19.53
C ALA A 27 10.09 -18.32 18.05
N PHE A 28 10.67 -17.48 17.17
CA PHE A 28 10.36 -17.58 15.74
C PHE A 28 11.58 -17.91 14.90
N ALA A 29 12.72 -18.23 15.53
CA ALA A 29 13.87 -18.61 14.74
C ALA A 29 14.95 -19.25 15.60
N VAL A 30 15.80 -20.01 14.93
CA VAL A 30 16.99 -20.59 15.50
C VAL A 30 18.14 -20.24 14.56
N VAL A 31 19.32 -20.00 15.12
CA VAL A 31 20.46 -19.57 14.34
C VAL A 31 21.63 -20.51 14.64
N PHE A 32 22.31 -20.96 13.59
CA PHE A 32 23.45 -21.86 13.72
C PHE A 32 24.64 -21.24 13.04
N LYS A 33 25.83 -21.45 13.62
CA LYS A 33 27.06 -21.09 12.94
C LYS A 33 27.31 -22.08 11.82
N GLY A 34 27.89 -21.59 10.73
CA GLY A 34 28.12 -22.40 9.56
C GLY A 34 29.27 -21.81 8.76
N ARG A 35 29.40 -22.30 7.52
CA ARG A 35 30.48 -21.86 6.67
C ARG A 35 30.13 -22.06 5.19
N HIS A 36 30.90 -21.41 4.34
CA HIS A 36 30.90 -21.68 2.91
C HIS A 36 31.46 -23.09 2.68
N ARG A 37 30.90 -23.81 1.72
CA ARG A 37 31.25 -25.21 1.44
C ARG A 37 32.60 -25.33 0.74
N GLU A 38 32.98 -24.28 0.00
CA GLU A 38 34.24 -24.21 -0.69
C GLU A 38 35.28 -23.55 0.21
N LYS A 39 34.98 -22.33 0.69
CA LYS A 39 35.90 -21.56 1.51
C LYS A 39 35.54 -21.78 2.98
N HIS A 40 36.14 -22.81 3.59
CA HIS A 40 35.78 -23.22 4.93
C HIS A 40 36.01 -22.11 5.95
N ASP A 41 36.89 -21.14 5.62
CA ASP A 41 37.22 -20.05 6.53
CA ASP A 41 37.22 -20.06 6.54
C ASP A 41 36.16 -18.95 6.54
N LEU A 42 35.25 -18.91 5.54
CA LEU A 42 34.18 -17.91 5.56
C LEU A 42 33.04 -18.39 6.48
N GLU A 43 32.94 -17.77 7.65
CA GLU A 43 31.95 -18.15 8.63
C GLU A 43 30.63 -17.45 8.32
N VAL A 44 29.52 -18.12 8.66
CA VAL A 44 28.22 -17.55 8.41
C VAL A 44 27.33 -17.92 9.58
N ALA A 45 26.21 -17.20 9.68
CA ALA A 45 25.13 -17.59 10.56
C ALA A 45 23.91 -17.95 9.72
N VAL A 46 23.34 -19.12 9.98
CA VAL A 46 22.25 -19.63 9.19
C VAL A 46 21.02 -19.61 10.07
N LYS A 47 20.04 -18.80 9.66
CA LYS A 47 18.82 -18.66 10.43
C LYS A 47 17.74 -19.55 9.82
N CYS A 48 17.09 -20.30 10.71
CA CYS A 48 16.12 -21.30 10.33
C CYS A 48 14.83 -21.14 11.13
N ILE A 49 13.80 -21.79 10.60
CA ILE A 49 12.52 -21.95 11.26
C ILE A 49 12.72 -22.49 12.66
N ASN A 50 11.90 -22.00 13.60
CA ASN A 50 11.65 -22.67 14.87
C ASN A 50 10.33 -23.45 14.79
N LYS A 51 10.43 -24.79 14.85
CA LYS A 51 9.30 -25.68 14.54
C LYS A 51 8.19 -25.55 15.58
N LYS A 52 8.54 -25.14 16.80
CA LYS A 52 7.56 -24.89 17.85
C LYS A 52 6.52 -23.85 17.42
N ASN A 53 6.85 -22.98 16.47
CA ASN A 53 5.93 -21.96 15.96
C ASN A 53 5.98 -21.93 14.43
N LEU A 54 5.77 -23.07 13.81
CA LEU A 54 6.18 -23.27 12.42
C LEU A 54 5.65 -22.16 11.50
N ALA A 55 4.33 -21.94 11.53
CA ALA A 55 3.70 -21.06 10.56
C ALA A 55 4.17 -19.61 10.73
N LYS A 56 4.19 -19.10 11.98
CA LYS A 56 4.58 -17.72 12.25
C LYS A 56 6.06 -17.53 11.90
N SER A 57 6.86 -18.55 12.24
CA SER A 57 8.29 -18.55 11.99
C SER A 57 8.54 -18.39 10.49
N GLN A 58 7.87 -19.21 9.71
CA GLN A 58 7.98 -19.20 8.27
C GLN A 58 7.62 -17.83 7.70
N THR A 59 6.54 -17.23 8.24
CA THR A 59 6.11 -15.91 7.79
C THR A 59 7.17 -14.86 8.09
N LEU A 60 7.68 -14.82 9.34
CA LEU A 60 8.66 -13.82 9.74
C LEU A 60 9.95 -13.97 8.94
N LEU A 61 10.47 -15.21 8.76
CA LEU A 61 11.71 -15.36 8.02
C LEU A 61 11.54 -14.85 6.58
N GLY A 62 10.41 -15.19 5.95
CA GLY A 62 10.08 -14.68 4.62
C GLY A 62 10.09 -13.14 4.55
N LYS A 63 9.50 -12.48 5.55
CA LYS A 63 9.48 -11.03 5.61
C LYS A 63 10.89 -10.47 5.82
N GLU A 64 11.67 -11.13 6.66
CA GLU A 64 13.01 -10.66 6.95
C GLU A 64 13.88 -10.68 5.69
N ILE A 65 13.72 -11.72 4.85
CA ILE A 65 14.42 -11.77 3.57
C ILE A 65 14.12 -10.52 2.75
N LYS A 66 12.84 -10.13 2.69
CA LYS A 66 12.41 -9.03 1.84
C LYS A 66 13.03 -7.72 2.30
N ILE A 67 13.10 -7.51 3.61
CA ILE A 67 13.73 -6.31 4.16
C ILE A 67 15.24 -6.35 3.99
N LEU A 68 15.89 -7.44 4.45
CA LEU A 68 17.34 -7.46 4.51
C LEU A 68 17.97 -7.36 3.13
N LYS A 69 17.29 -7.88 2.09
CA LYS A 69 17.89 -7.85 0.77
C LYS A 69 17.97 -6.42 0.25
N GLU A 70 17.29 -5.47 0.89
CA GLU A 70 17.36 -4.08 0.45
C GLU A 70 18.35 -3.27 1.27
N LEU A 71 19.07 -3.90 2.21
CA LEU A 71 19.89 -3.14 3.15
C LEU A 71 21.34 -3.63 3.03
N LYS A 72 22.21 -2.80 2.45
CA LYS A 72 23.62 -3.14 2.44
C LYS A 72 24.36 -2.03 3.18
N HIS A 73 24.83 -2.36 4.40
CA HIS A 73 25.54 -1.37 5.18
C HIS A 73 26.52 -2.09 6.13
N GLU A 74 27.64 -1.46 6.41
CA GLU A 74 28.64 -2.06 7.29
C GLU A 74 28.11 -2.27 8.70
N ASN A 75 27.07 -1.54 9.11
CA ASN A 75 26.54 -1.67 10.46
C ASN A 75 25.20 -2.39 10.49
N ILE A 76 24.86 -3.10 9.40
CA ILE A 76 23.72 -3.98 9.37
C ILE A 76 24.21 -5.37 8.96
N VAL A 77 23.85 -6.41 9.68
CA VAL A 77 24.31 -7.75 9.36
CA VAL A 77 24.29 -7.76 9.37
C VAL A 77 23.90 -8.07 7.93
N ALA A 78 24.84 -8.59 7.14
CA ALA A 78 24.61 -8.76 5.72
C ALA A 78 23.91 -10.09 5.47
N LEU A 79 23.02 -10.06 4.47
CA LEU A 79 22.38 -11.24 3.93
C LEU A 79 23.19 -11.70 2.73
N TYR A 80 23.87 -12.84 2.87
CA TYR A 80 24.68 -13.36 1.78
C TYR A 80 23.81 -14.13 0.80
N ASP A 81 22.88 -14.92 1.32
CA ASP A 81 22.00 -15.69 0.49
C ASP A 81 20.81 -16.11 1.35
N PHE A 82 19.84 -16.73 0.70
CA PHE A 82 18.68 -17.25 1.40
C PHE A 82 18.05 -18.33 0.54
N GLN A 83 17.12 -19.08 1.15
CA GLN A 83 16.42 -20.07 0.37
C GLN A 83 15.04 -20.26 0.93
N GLU A 84 14.05 -19.93 0.09
CA GLU A 84 12.67 -20.02 0.50
C GLU A 84 11.94 -21.03 -0.39
N MET A 85 11.22 -21.93 0.28
CA MET A 85 10.46 -22.99 -0.38
C MET A 85 9.11 -23.08 0.35
N ALA A 86 8.23 -23.95 -0.14
CA ALA A 86 6.91 -24.06 0.44
C ALA A 86 6.99 -24.43 1.92
N ASN A 87 7.94 -25.30 2.29
CA ASN A 87 7.92 -25.86 3.63
C ASN A 87 9.19 -25.59 4.43
N SER A 88 10.10 -24.77 3.90
CA SER A 88 11.30 -24.44 4.60
C SER A 88 11.78 -23.07 4.17
N VAL A 89 12.51 -22.37 5.06
CA VAL A 89 13.14 -21.09 4.76
CA VAL A 89 13.14 -21.10 4.76
C VAL A 89 14.46 -21.01 5.54
N TYR A 90 15.50 -20.47 4.89
CA TYR A 90 16.81 -20.27 5.49
C TYR A 90 17.31 -18.89 5.10
N LEU A 91 17.98 -18.22 6.03
CA LEU A 91 18.75 -17.03 5.69
C LEU A 91 20.20 -17.32 6.01
N VAL A 92 21.08 -17.00 5.07
CA VAL A 92 22.49 -17.12 5.28
C VAL A 92 23.06 -15.72 5.49
N MET A 93 23.56 -15.47 6.70
CA MET A 93 24.04 -14.15 7.05
C MET A 93 25.47 -14.13 7.55
N GLU A 94 26.02 -12.91 7.48
CA GLU A 94 27.25 -12.52 8.13
C GLU A 94 27.30 -13.08 9.56
N TYR A 95 28.43 -13.72 9.89
CA TYR A 95 28.73 -14.13 11.25
C TYR A 95 29.45 -13.01 11.98
N CYS A 96 28.95 -12.68 13.17
CA CYS A 96 29.58 -11.65 14.00
C CYS A 96 30.36 -12.35 15.11
N ASN A 97 31.69 -12.25 15.05
CA ASN A 97 32.51 -13.11 15.90
C ASN A 97 32.55 -12.62 17.35
N GLY A 98 32.00 -11.42 17.64
CA GLY A 98 32.07 -10.85 18.98
C GLY A 98 30.86 -11.18 19.85
N GLY A 99 29.88 -11.93 19.33
CA GLY A 99 28.61 -12.11 20.02
C GLY A 99 27.80 -10.80 20.10
N ASP A 100 26.89 -10.72 21.09
CA ASP A 100 25.93 -9.66 21.18
C ASP A 100 26.33 -8.65 22.26
N LEU A 101 25.68 -7.49 22.21
CA LEU A 101 25.96 -6.42 23.14
C LEU A 101 25.49 -6.82 24.54
N ALA A 102 24.44 -7.62 24.64
CA ALA A 102 23.98 -8.03 25.96
C ALA A 102 25.09 -8.76 26.74
N ASP A 103 25.79 -9.69 26.09
CA ASP A 103 26.85 -10.46 26.73
C ASP A 103 28.03 -9.55 27.06
N TYR A 104 28.38 -8.65 26.13
CA TYR A 104 29.48 -7.72 26.35
C TYR A 104 29.21 -6.84 27.57
N LEU A 105 27.95 -6.42 27.75
CA LEU A 105 27.53 -5.62 28.89
C LEU A 105 27.57 -6.44 30.18
N HIS A 106 27.14 -7.70 30.10
CA HIS A 106 27.22 -8.58 31.25
C HIS A 106 28.67 -8.65 31.74
N ALA A 107 29.64 -8.65 30.83
CA ALA A 107 31.04 -8.81 31.22
C ALA A 107 31.62 -7.48 31.70
N MET A 108 31.35 -6.38 30.98
CA MET A 108 31.93 -5.09 31.31
C MET A 108 31.17 -4.39 32.44
N ARG A 109 29.89 -4.74 32.65
CA ARG A 109 29.01 -4.14 33.65
C ARG A 109 28.47 -2.81 33.13
N THR A 110 29.37 -1.91 32.74
CA THR A 110 28.98 -0.65 32.17
C THR A 110 30.05 -0.27 31.16
N LEU A 111 29.73 0.63 30.24
CA LEU A 111 30.67 1.08 29.23
C LEU A 111 30.99 2.55 29.48
N SER A 112 32.20 2.94 29.11
CA SER A 112 32.59 4.33 29.14
C SER A 112 31.79 5.12 28.10
N GLU A 113 31.73 6.44 28.29
CA GLU A 113 31.09 7.33 27.33
C GLU A 113 31.77 7.20 25.98
N ASP A 114 33.09 6.98 25.95
CA ASP A 114 33.84 6.90 24.71
C ASP A 114 33.42 5.66 23.92
N THR A 115 33.25 4.52 24.61
CA THR A 115 32.78 3.32 23.96
C THR A 115 31.34 3.48 23.48
N ILE A 116 30.49 4.05 24.34
CA ILE A 116 29.10 4.32 23.99
C ILE A 116 29.04 5.19 22.74
N ARG A 117 29.87 6.23 22.69
CA ARG A 117 29.88 7.10 21.53
C ARG A 117 30.25 6.31 20.27
N LEU A 118 31.30 5.48 20.36
CA LEU A 118 31.75 4.69 19.23
C LEU A 118 30.62 3.78 18.73
N PHE A 119 29.95 3.10 19.65
CA PHE A 119 28.89 2.18 19.29
C PHE A 119 27.71 2.94 18.69
N LEU A 120 27.38 4.10 19.26
CA LEU A 120 26.18 4.82 18.87
C LEU A 120 26.41 5.52 17.54
N GLN A 121 27.62 5.97 17.24
CA GLN A 121 27.92 6.49 15.91
C GLN A 121 27.59 5.45 14.84
N GLN A 122 27.90 4.18 15.13
CA GLN A 122 27.69 3.12 14.17
C GLN A 122 26.19 2.80 14.05
N ILE A 123 25.51 2.68 15.19
CA ILE A 123 24.07 2.43 15.19
C ILE A 123 23.38 3.55 14.41
N ALA A 124 23.84 4.79 14.63
CA ALA A 124 23.26 5.95 13.97
C ALA A 124 23.43 5.84 12.46
N GLY A 125 24.60 5.35 12.02
CA GLY A 125 24.85 5.17 10.60
C GLY A 125 23.86 4.19 9.97
N ALA A 126 23.59 3.08 10.65
CA ALA A 126 22.60 2.12 10.19
C ALA A 126 21.21 2.74 10.17
N MET A 127 20.83 3.45 11.23
CA MET A 127 19.50 4.04 11.31
C MET A 127 19.31 5.09 10.21
N ARG A 128 20.38 5.72 9.78
CA ARG A 128 20.29 6.69 8.71
C ARG A 128 19.81 5.99 7.42
N LEU A 129 20.30 4.78 7.18
CA LEU A 129 19.86 4.04 6.00
C LEU A 129 18.42 3.56 6.17
N LEU A 130 18.11 2.94 7.31
CA LEU A 130 16.74 2.52 7.61
C LEU A 130 15.76 3.67 7.38
N HIS A 131 16.10 4.84 7.96
CA HIS A 131 15.21 5.98 7.91
C HIS A 131 15.07 6.46 6.47
N SER A 132 16.17 6.50 5.70
CA SER A 132 16.10 6.94 4.31
C SER A 132 15.32 5.95 3.46
N LYS A 133 15.30 4.65 3.80
CA LYS A 133 14.54 3.66 3.05
C LYS A 133 13.10 3.57 3.54
N GLY A 134 12.77 4.24 4.65
CA GLY A 134 11.42 4.18 5.18
C GLY A 134 11.12 2.88 5.95
N ILE A 135 12.16 2.30 6.57
CA ILE A 135 12.04 1.04 7.30
C ILE A 135 12.19 1.29 8.80
N ILE A 136 11.31 0.67 9.60
CA ILE A 136 11.43 0.67 11.04
C ILE A 136 11.75 -0.74 11.49
N HIS A 137 12.59 -0.87 12.54
CA HIS A 137 13.13 -2.15 12.98
C HIS A 137 12.17 -2.86 13.94
N ARG A 138 11.82 -2.16 15.05
CA ARG A 138 10.81 -2.55 16.02
C ARG A 138 11.26 -3.62 17.01
N ASP A 139 12.53 -4.03 16.97
CA ASP A 139 12.99 -4.93 18.02
C ASP A 139 14.44 -4.62 18.39
N LEU A 140 14.76 -3.33 18.54
CA LEU A 140 16.11 -2.97 18.92
C LEU A 140 16.27 -3.20 20.41
N LYS A 141 17.32 -3.96 20.73
CA LYS A 141 17.69 -4.33 22.08
C LYS A 141 19.09 -4.93 22.05
N PRO A 142 19.81 -5.02 23.18
CA PRO A 142 21.21 -5.44 23.19
C PRO A 142 21.45 -6.81 22.56
N GLN A 143 20.45 -7.70 22.68
CA GLN A 143 20.54 -9.04 22.13
C GLN A 143 20.60 -8.98 20.60
N ASN A 144 20.21 -7.85 19.98
CA ASN A 144 20.14 -7.73 18.54
C ASN A 144 21.14 -6.71 18.01
N ILE A 145 22.02 -6.23 18.88
CA ILE A 145 23.20 -5.50 18.45
C ILE A 145 24.38 -6.46 18.55
N LEU A 146 25.04 -6.73 17.43
CA LEU A 146 26.13 -7.71 17.43
C LEU A 146 27.47 -7.03 17.22
N LEU A 147 28.49 -7.67 17.77
CA LEU A 147 29.87 -7.18 17.76
C LEU A 147 30.74 -8.01 16.81
N SER A 148 31.62 -7.32 16.08
CA SER A 148 32.59 -7.92 15.18
C SER A 148 33.97 -7.32 15.42
N ASN A 149 34.94 -8.20 15.69
CA ASN A 149 36.32 -7.83 15.91
C ASN A 149 37.12 -8.20 14.67
N PRO A 150 37.63 -7.24 13.87
CA PRO A 150 38.37 -7.58 12.65
C PRO A 150 39.60 -8.46 12.92
N ALA A 155 41.13 -7.41 20.49
CA ALA A 155 41.55 -6.00 20.35
C ALA A 155 40.53 -5.10 21.05
N ASN A 156 40.76 -3.78 21.03
CA ASN A 156 40.16 -2.84 21.97
C ASN A 156 38.80 -2.33 21.47
N PRO A 157 38.08 -1.53 22.29
CA PRO A 157 36.84 -0.89 21.86
C PRO A 157 36.87 0.01 20.63
N ASN A 158 38.04 0.57 20.26
CA ASN A 158 38.16 1.41 19.07
C ASN A 158 38.06 0.63 17.76
N SER A 159 38.26 -0.70 17.77
CA SER A 159 38.24 -1.52 16.58
C SER A 159 36.91 -2.29 16.45
N ILE A 160 36.12 -2.38 17.52
CA ILE A 160 34.88 -3.15 17.49
C ILE A 160 33.89 -2.52 16.49
N ARG A 161 33.31 -3.39 15.64
CA ARG A 161 32.26 -2.99 14.72
C ARG A 161 30.93 -3.52 15.23
N VAL A 162 29.92 -2.64 15.22
CA VAL A 162 28.59 -2.93 15.73
C VAL A 162 27.68 -3.10 14.54
N LYS A 163 26.80 -4.09 14.61
CA LYS A 163 25.88 -4.41 13.53
C LYS A 163 24.50 -4.70 14.09
N ILE A 164 23.48 -4.08 13.47
CA ILE A 164 22.11 -4.37 13.85
C ILE A 164 21.68 -5.68 13.20
N ALA A 165 21.03 -6.54 13.98
CA ALA A 165 20.52 -7.79 13.50
C ALA A 165 19.02 -7.92 13.77
N ASP A 166 18.45 -8.97 13.21
CA ASP A 166 17.11 -9.48 13.50
C ASP A 166 16.03 -8.49 13.02
N PHE A 167 15.75 -8.55 11.72
CA PHE A 167 14.77 -7.69 11.04
C PHE A 167 13.45 -8.41 10.85
N GLY A 168 13.18 -9.42 11.70
CA GLY A 168 11.97 -10.22 11.56
C GLY A 168 10.67 -9.46 11.86
N PHE A 169 10.73 -8.40 12.67
CA PHE A 169 9.55 -7.60 12.95
C PHE A 169 9.59 -6.29 12.17
N ALA A 170 10.61 -6.09 11.32
CA ALA A 170 10.75 -4.84 10.59
C ALA A 170 9.66 -4.69 9.52
N ARG A 171 9.38 -3.43 9.15
CA ARG A 171 8.38 -3.12 8.15
C ARG A 171 8.70 -1.77 7.50
N TYR A 172 8.24 -1.62 6.24
CA TYR A 172 8.11 -0.32 5.60
C TYR A 172 6.99 0.44 6.27
N LEU A 173 7.22 1.73 6.50
CA LEU A 173 6.17 2.60 6.96
C LEU A 173 6.28 3.89 6.15
N GLN A 174 5.22 4.18 5.40
CA GLN A 174 5.18 5.38 4.61
C GLN A 174 5.20 6.58 5.55
N SER A 175 5.82 7.67 5.11
CA SER A 175 6.19 8.76 5.98
C SER A 175 4.96 9.50 6.55
N ASN A 176 3.80 9.37 5.91
CA ASN A 176 2.60 10.01 6.42
C ASN A 176 1.68 9.02 7.13
N MET A 177 2.14 7.79 7.41
CA MET A 177 1.30 6.78 8.03
CA MET A 177 1.29 6.78 8.04
C MET A 177 1.87 6.38 9.40
N MET A 178 1.08 5.63 10.19
CA MET A 178 1.51 5.15 11.49
CA MET A 178 1.51 5.15 11.49
C MET A 178 1.30 3.63 11.55
N ALA A 179 2.17 2.95 12.30
CA ALA A 179 2.04 1.54 12.57
C ALA A 179 1.25 1.31 13.86
N ALA A 180 0.71 0.09 14.02
CA ALA A 180 -0.05 -0.25 15.21
C ALA A 180 0.19 -1.68 15.68
N LEU A 182 1.45 -4.58 17.76
CA LEU A 182 2.13 -4.72 19.05
C LEU A 182 3.23 -5.76 18.86
N CYS A 183 4.49 -5.33 18.82
CA CYS A 183 5.59 -6.27 18.80
C CYS A 183 6.81 -5.62 19.47
N GLY A 184 7.77 -6.47 19.80
CA GLY A 184 9.04 -6.06 20.37
C GLY A 184 9.18 -6.59 21.78
N SER A 185 10.19 -6.09 22.50
CA SER A 185 10.49 -6.54 23.85
C SER A 185 10.13 -5.40 24.82
N PRO A 186 9.17 -5.64 25.73
CA PRO A 186 8.58 -4.58 26.55
C PRO A 186 9.54 -3.60 27.23
N MET A 187 10.68 -4.10 27.68
CA MET A 187 11.66 -3.26 28.35
C MET A 187 12.25 -2.24 27.38
N TYR A 188 12.17 -2.51 26.07
CA TYR A 188 12.76 -1.60 25.08
C TYR A 188 11.69 -0.88 24.25
N MET A 189 10.42 -1.18 24.50
CA MET A 189 9.34 -0.65 23.69
C MET A 189 9.07 0.80 24.06
N ALA A 190 8.85 1.66 23.05
CA ALA A 190 8.40 3.01 23.33
C ALA A 190 7.06 2.96 24.06
N PRO A 191 6.77 3.94 24.94
CA PRO A 191 5.48 4.00 25.59
C PRO A 191 4.28 3.88 24.64
N GLU A 192 4.33 4.59 23.53
CA GLU A 192 3.21 4.56 22.60
C GLU A 192 3.00 3.13 22.11
N VAL A 193 4.07 2.34 21.98
CA VAL A 193 3.93 0.97 21.49
C VAL A 193 3.24 0.11 22.55
N ILE A 194 3.74 0.15 23.79
CA ILE A 194 3.24 -0.75 24.81
C ILE A 194 1.85 -0.31 25.29
N MET A 195 1.50 0.98 25.15
CA MET A 195 0.14 1.41 25.44
C MET A 195 -0.80 1.18 24.25
N SER A 196 -0.41 0.36 23.25
CA SER A 196 -1.29 0.00 22.14
C SER A 196 -1.75 1.22 21.32
N GLN A 197 -0.93 2.24 21.21
CA GLN A 197 -1.27 3.38 20.37
C GLN A 197 -0.56 3.24 19.02
N HIS A 198 -0.90 4.15 18.10
CA HIS A 198 -0.20 4.29 16.86
C HIS A 198 1.23 4.76 17.12
N TYR A 199 2.16 4.36 16.26
CA TYR A 199 3.54 4.80 16.41
C TYR A 199 4.21 4.92 15.05
N ASP A 200 5.43 5.48 15.07
CA ASP A 200 6.19 5.74 13.86
C ASP A 200 7.65 5.37 14.11
N GLY A 201 8.52 5.91 13.26
CA GLY A 201 9.95 5.66 13.26
C GLY A 201 10.64 6.08 14.57
N LYS A 202 9.99 6.96 15.32
CA LYS A 202 10.59 7.48 16.54
C LYS A 202 10.49 6.45 17.65
N ALA A 203 9.64 5.42 17.50
CA ALA A 203 9.62 4.35 18.48
C ALA A 203 11.02 3.71 18.57
N ASP A 204 11.70 3.51 17.43
CA ASP A 204 13.02 2.90 17.48
C ASP A 204 13.98 3.81 18.26
N LEU A 205 13.76 5.12 18.21
CA LEU A 205 14.71 6.04 18.85
C LEU A 205 14.62 5.91 20.37
N TRP A 206 13.41 5.67 20.89
CA TRP A 206 13.25 5.34 22.30
C TRP A 206 14.06 4.09 22.67
N SER A 207 13.92 3.04 21.86
CA SER A 207 14.65 1.80 22.10
C SER A 207 16.15 2.08 22.14
N ILE A 208 16.63 2.88 21.20
CA ILE A 208 18.04 3.24 21.16
C ILE A 208 18.44 4.00 22.41
N GLY A 209 17.59 4.96 22.82
CA GLY A 209 17.81 5.68 24.05
C GLY A 209 17.92 4.72 25.25
N THR A 210 17.06 3.70 25.28
CA THR A 210 17.08 2.74 26.37
CA THR A 210 17.08 2.74 26.37
C THR A 210 18.37 1.93 26.32
N ILE A 211 18.83 1.57 25.11
CA ILE A 211 20.06 0.79 25.00
C ILE A 211 21.25 1.62 25.51
N VAL A 212 21.27 2.91 25.14
CA VAL A 212 22.36 3.78 25.52
C VAL A 212 22.36 3.95 27.06
N TYR A 213 21.19 4.15 27.64
CA TYR A 213 21.09 4.28 29.08
C TYR A 213 21.61 3.01 29.78
N GLN A 214 21.24 1.85 29.25
CA GLN A 214 21.64 0.57 29.84
C GLN A 214 23.16 0.40 29.76
N CYS A 215 23.76 0.82 28.65
CA CYS A 215 25.20 0.79 28.51
C CYS A 215 25.86 1.66 29.60
N LEU A 216 25.29 2.85 29.86
CA LEU A 216 25.87 3.84 30.76
C LEU A 216 25.78 3.37 32.22
N THR A 217 24.64 2.79 32.60
CA THR A 217 24.30 2.58 33.99
C THR A 217 24.20 1.11 34.36
N GLY A 218 24.12 0.22 33.38
CA GLY A 218 23.87 -1.19 33.65
C GLY A 218 22.41 -1.53 33.96
N LYS A 219 21.46 -0.57 33.84
CA LYS A 219 20.06 -0.90 34.05
C LYS A 219 19.12 -0.21 33.07
N ALA A 220 17.85 -0.61 33.13
CA ALA A 220 16.76 0.01 32.39
C ALA A 220 16.43 1.34 33.03
N PRO A 221 16.07 2.37 32.25
CA PRO A 221 15.66 3.65 32.84
C PRO A 221 14.33 3.58 33.58
N PHE A 222 13.48 2.65 33.19
CA PHE A 222 12.16 2.51 33.79
C PHE A 222 11.88 1.02 33.97
N GLN A 223 12.10 0.54 35.19
CA GLN A 223 12.01 -0.88 35.53
C GLN A 223 10.64 -1.12 36.15
N ALA A 224 10.13 -2.33 36.00
CA ALA A 224 8.87 -2.72 36.61
C ALA A 224 8.86 -4.25 36.70
N SER A 225 7.92 -4.76 37.49
CA SER A 225 7.89 -6.18 37.83
C SER A 225 7.36 -7.00 36.66
N SER A 226 6.59 -6.35 35.79
CA SER A 226 5.97 -7.02 34.66
C SER A 226 5.73 -6.01 33.53
N PRO A 227 5.57 -6.50 32.27
CA PRO A 227 5.08 -5.67 31.15
C PRO A 227 3.86 -4.83 31.50
N GLN A 228 2.85 -5.42 32.15
CA GLN A 228 1.62 -4.73 32.52
C GLN A 228 1.92 -3.59 33.50
N ASP A 229 2.83 -3.82 34.46
CA ASP A 229 3.20 -2.80 35.43
C ASP A 229 3.88 -1.63 34.72
N LEU A 230 4.77 -1.97 33.77
CA LEU A 230 5.48 -0.96 33.01
C LEU A 230 4.49 -0.13 32.22
N ARG A 231 3.51 -0.81 31.59
CA ARG A 231 2.46 -0.12 30.84
CA ARG A 231 2.47 -0.12 30.85
C ARG A 231 1.70 0.85 31.75
N LEU A 232 1.27 0.37 32.92
CA LEU A 232 0.51 1.21 33.84
C LEU A 232 1.38 2.38 34.33
N PHE A 233 2.67 2.11 34.56
CA PHE A 233 3.60 3.17 34.91
C PHE A 233 3.58 4.28 33.84
N TYR A 234 3.69 3.90 32.55
CA TYR A 234 3.74 4.92 31.50
C TYR A 234 2.42 5.66 31.41
N GLU A 235 1.31 4.93 31.56
CA GLU A 235 -0.03 5.52 31.56
C GLU A 235 -0.16 6.62 32.60
N LYS A 236 0.27 6.36 33.86
CA LYS A 236 0.06 7.26 34.99
C LYS A 236 1.01 8.45 34.98
N ASN A 237 2.14 8.35 34.27
CA ASN A 237 3.15 9.40 34.32
C ASN A 237 3.24 10.12 32.98
N LYS A 238 2.51 11.22 32.85
CA LYS A 238 2.49 11.99 31.61
C LYS A 238 3.77 12.82 31.49
N THR A 239 4.30 13.28 32.63
CA THR A 239 5.64 13.85 32.69
C THR A 239 6.53 12.72 33.20
N LEU A 240 7.54 12.37 32.41
CA LEU A 240 8.38 11.23 32.70
C LEU A 240 9.82 11.67 32.48
N VAL A 241 10.69 11.50 33.47
CA VAL A 241 12.06 11.93 33.32
C VAL A 241 12.94 10.78 33.80
N PRO A 242 13.92 10.33 33.00
CA PRO A 242 14.84 9.28 33.45
C PRO A 242 15.85 9.85 34.45
N THR A 243 16.23 9.00 35.39
CA THR A 243 17.31 9.28 36.31
C THR A 243 18.65 9.10 35.61
N ILE A 244 19.37 10.20 35.43
CA ILE A 244 20.67 10.15 34.79
C ILE A 244 21.78 10.42 35.82
N PRO A 245 22.82 9.55 35.93
CA PRO A 245 23.90 9.76 36.90
C PRO A 245 24.54 11.13 36.78
N ALA A 246 24.90 11.67 37.95
CA ALA A 246 25.44 13.02 38.09
C ALA A 246 26.67 13.21 37.25
N ALA A 247 27.49 12.15 37.15
CA ALA A 247 28.78 12.22 36.47
C ALA A 247 28.62 12.30 34.95
N THR A 248 27.42 12.06 34.42
CA THR A 248 27.23 11.98 32.97
C THR A 248 27.63 13.31 32.36
N SER A 249 28.32 13.27 31.22
CA SER A 249 28.64 14.48 30.49
C SER A 249 27.37 15.19 30.04
N ALA A 250 27.49 16.50 29.76
CA ALA A 250 26.34 17.33 29.45
C ALA A 250 25.70 16.88 28.14
N PRO A 251 26.47 16.66 27.05
CA PRO A 251 25.86 16.21 25.78
C PRO A 251 25.19 14.84 25.90
N LEU A 252 25.78 13.89 26.69
CA LEU A 252 25.13 12.61 26.83
C LEU A 252 23.82 12.73 27.61
N ARG A 253 23.82 13.57 28.65
CA ARG A 253 22.61 13.85 29.41
C ARG A 253 21.54 14.45 28.48
N GLN A 254 21.91 15.45 27.69
CA GLN A 254 20.97 16.08 26.77
C GLN A 254 20.38 15.04 25.80
N LEU A 255 21.22 14.15 25.27
CA LEU A 255 20.79 13.13 24.31
C LEU A 255 19.80 12.17 24.97
N LEU A 256 20.13 11.72 26.17
CA LEU A 256 19.27 10.78 26.85
C LEU A 256 17.92 11.40 27.21
N LEU A 257 17.90 12.68 27.65
CA LEU A 257 16.64 13.32 28.01
C LEU A 257 15.76 13.49 26.76
N ALA A 258 16.39 13.81 25.62
CA ALA A 258 15.66 14.03 24.38
C ALA A 258 15.14 12.73 23.73
N LEU A 259 15.90 11.61 23.85
CA LEU A 259 15.44 10.31 23.35
C LEU A 259 14.37 9.74 24.26
N LEU A 260 14.56 9.81 25.57
CA LEU A 260 13.63 9.17 26.48
C LEU A 260 12.51 10.13 26.88
N GLN A 261 11.85 10.71 25.89
CA GLN A 261 10.61 11.43 26.04
C GLN A 261 9.46 10.50 25.74
N ARG A 262 8.52 10.47 26.69
CA ARG A 262 7.36 9.61 26.66
C ARG A 262 6.49 9.85 25.44
N ASN A 263 6.33 11.13 25.08
CA ASN A 263 5.42 11.51 24.00
C ASN A 263 6.19 11.63 22.69
N HIS A 264 5.78 10.83 21.72
CA HIS A 264 6.57 10.66 20.51
C HIS A 264 6.65 11.97 19.76
N LYS A 265 5.61 12.80 19.80
CA LYS A 265 5.65 14.09 19.11
C LYS A 265 6.81 14.94 19.64
N ASP A 266 7.07 14.87 20.94
CA ASP A 266 8.09 15.70 21.55
C ASP A 266 9.48 15.10 21.40
N ARG A 267 9.57 13.78 21.22
CA ARG A 267 10.84 13.05 21.23
C ARG A 267 11.76 13.54 20.12
N MET A 268 13.07 13.47 20.39
CA MET A 268 14.07 13.73 19.39
C MET A 268 13.69 13.08 18.06
N ASP A 269 13.91 13.80 16.96
CA ASP A 269 13.66 13.24 15.65
C ASP A 269 14.99 12.81 15.02
N PHE A 270 14.92 12.23 13.82
CA PHE A 270 16.06 11.54 13.25
C PHE A 270 17.19 12.51 12.97
N ASP A 271 16.82 13.66 12.43
CA ASP A 271 17.82 14.64 12.03
C ASP A 271 18.58 15.14 13.26
N GLU A 272 17.85 15.40 14.35
CA GLU A 272 18.48 15.84 15.58
C GLU A 272 19.42 14.75 16.06
N PHE A 273 18.99 13.50 15.98
CA PHE A 273 19.76 12.38 16.50
C PHE A 273 21.07 12.24 15.73
N PHE A 274 20.96 12.26 14.40
CA PHE A 274 22.11 12.01 13.55
C PHE A 274 23.18 13.10 13.72
N HIS A 275 22.76 14.33 14.01
CA HIS A 275 23.66 15.46 14.12
C HIS A 275 23.92 15.85 15.59
N HIS A 276 23.56 14.98 16.54
CA HIS A 276 23.64 15.38 17.94
C HIS A 276 25.11 15.57 18.33
N PRO A 277 25.44 16.62 19.11
CA PRO A 277 26.82 16.87 19.54
C PRO A 277 27.52 15.71 20.25
N PHE A 278 26.79 14.88 20.98
CA PHE A 278 27.41 13.74 21.63
C PHE A 278 28.12 12.84 20.62
N LEU A 279 27.65 12.78 19.36
CA LEU A 279 28.24 11.92 18.35
C LEU A 279 29.42 12.55 17.63
N ASP A 280 29.79 13.80 17.92
CA ASP A 280 30.91 14.42 17.24
C ASP A 280 32.24 13.78 17.67
N ALA A 281 33.13 13.60 16.67
CA ALA A 281 34.45 13.03 16.86
C ALA A 281 35.43 14.12 17.30
N THR B 9 -17.03 37.51 -6.94
CA THR B 9 -16.14 37.16 -5.79
C THR B 9 -16.60 35.89 -5.07
N GLU B 10 -15.87 34.79 -5.29
CA GLU B 10 -16.09 33.53 -4.58
C GLU B 10 -15.29 33.50 -3.28
N THR B 11 -15.77 32.74 -2.27
CA THR B 11 -15.04 32.65 -1.03
C THR B 11 -14.72 31.19 -0.70
N VAL B 12 -13.66 30.97 0.06
CA VAL B 12 -13.23 29.65 0.48
C VAL B 12 -12.65 29.82 1.87
N GLY B 13 -13.37 29.42 2.90
CA GLY B 13 -12.86 29.61 4.24
C GLY B 13 -12.61 31.10 4.48
N LYS B 14 -11.45 31.43 5.03
CA LYS B 14 -11.07 32.80 5.29
C LYS B 14 -10.49 33.51 4.07
N PHE B 15 -10.77 33.04 2.84
CA PHE B 15 -10.06 33.54 1.66
C PHE B 15 -11.07 33.84 0.56
N GLU B 16 -10.66 34.66 -0.41
CA GLU B 16 -11.51 34.97 -1.54
C GLU B 16 -10.71 35.23 -2.80
N PHE B 17 -11.41 35.11 -3.92
CA PHE B 17 -10.80 35.36 -5.21
C PHE B 17 -11.89 35.66 -6.23
N SER B 18 -11.45 36.18 -7.37
CA SER B 18 -12.31 36.38 -8.52
C SER B 18 -11.76 35.61 -9.71
N ARG B 19 -12.66 35.00 -10.47
CA ARG B 19 -12.27 34.24 -11.65
C ARG B 19 -11.72 35.12 -12.75
N LYS B 20 -11.62 36.43 -12.53
CA LYS B 20 -11.02 37.31 -13.51
C LYS B 20 -9.49 37.33 -13.36
N ASP B 21 -8.98 36.87 -12.21
CA ASP B 21 -7.56 36.96 -11.91
C ASP B 21 -6.87 35.61 -12.16
N LEU B 22 -6.99 35.09 -13.38
CA LEU B 22 -6.37 33.86 -13.79
C LEU B 22 -4.86 34.05 -13.80
N ILE B 23 -4.12 33.14 -13.14
CA ILE B 23 -2.67 33.19 -13.15
C ILE B 23 -2.10 31.88 -13.67
N GLY B 24 -2.93 30.84 -13.84
CA GLY B 24 -2.39 29.58 -14.32
C GLY B 24 -3.52 28.63 -14.74
N HIS B 25 -3.20 27.70 -15.63
CA HIS B 25 -4.18 26.80 -16.20
C HIS B 25 -3.44 25.62 -16.84
N GLY B 26 -4.04 24.46 -16.65
CA GLY B 26 -3.64 23.25 -17.32
C GLY B 26 -4.88 22.39 -17.50
N ALA B 27 -4.70 21.17 -17.99
CA ALA B 27 -5.82 20.34 -18.36
C ALA B 27 -6.65 19.98 -17.13
N PHE B 28 -6.02 19.96 -15.95
CA PHE B 28 -6.65 19.42 -14.75
C PHE B 28 -6.77 20.45 -13.64
N ALA B 29 -6.49 21.73 -13.93
CA ALA B 29 -6.71 22.74 -12.91
C ALA B 29 -6.66 24.15 -13.51
N VAL B 30 -7.29 25.08 -12.80
CA VAL B 30 -7.12 26.50 -13.02
C VAL B 30 -6.71 27.14 -11.71
N VAL B 31 -5.89 28.18 -11.78
CA VAL B 31 -5.41 28.87 -10.59
C VAL B 31 -5.75 30.35 -10.71
N PHE B 32 -6.28 30.92 -9.63
CA PHE B 32 -6.62 32.34 -9.58
C PHE B 32 -5.88 33.00 -8.42
N LYS B 33 -5.47 34.25 -8.62
CA LYS B 33 -4.94 35.03 -7.52
C LYS B 33 -6.09 35.43 -6.62
N GLY B 34 -5.81 35.53 -5.32
CA GLY B 34 -6.80 35.95 -4.35
C GLY B 34 -6.12 36.51 -3.11
N ARG B 35 -6.88 36.54 -2.02
CA ARG B 35 -6.40 37.14 -0.79
C ARG B 35 -7.17 36.61 0.41
N HIS B 36 -6.59 36.82 1.60
CA HIS B 36 -7.29 36.64 2.86
C HIS B 36 -8.39 37.71 2.96
N ARG B 37 -9.54 37.33 3.51
CA ARG B 37 -10.71 38.21 3.57
C ARG B 37 -10.55 39.28 4.64
N GLU B 38 -9.78 38.99 5.69
CA GLU B 38 -9.47 39.94 6.74
C GLU B 38 -8.20 40.73 6.38
N LYS B 39 -7.09 40.03 6.09
CA LYS B 39 -5.83 40.67 5.80
C LYS B 39 -5.66 40.76 4.29
N HIS B 40 -6.15 41.85 3.71
CA HIS B 40 -6.18 41.99 2.26
C HIS B 40 -4.78 41.91 1.64
N ASP B 41 -3.74 42.18 2.45
CA ASP B 41 -2.35 42.18 2.01
C ASP B 41 -1.79 40.76 1.88
N LEU B 42 -2.42 39.74 2.47
CA LEU B 42 -1.97 38.37 2.29
C LEU B 42 -2.52 37.83 0.98
N GLU B 43 -1.63 37.69 0.00
CA GLU B 43 -2.02 37.23 -1.32
C GLU B 43 -2.01 35.70 -1.31
N VAL B 44 -2.87 35.09 -2.13
CA VAL B 44 -2.91 33.65 -2.20
C VAL B 44 -3.15 33.26 -3.63
N ALA B 45 -2.89 31.98 -3.92
CA ALA B 45 -3.27 31.38 -5.19
C ALA B 45 -4.29 30.28 -4.90
N VAL B 46 -5.42 30.31 -5.61
CA VAL B 46 -6.52 29.40 -5.33
C VAL B 46 -6.63 28.49 -6.51
N LYS B 47 -6.36 27.21 -6.29
CA LYS B 47 -6.40 26.23 -7.35
C LYS B 47 -7.74 25.50 -7.34
N CYS B 48 -8.36 25.41 -8.51
CA CYS B 48 -9.71 24.94 -8.70
C CYS B 48 -9.77 23.88 -9.80
N ILE B 49 -10.90 23.18 -9.79
CA ILE B 49 -11.24 22.24 -10.85
C ILE B 49 -11.19 22.95 -12.19
N ASN B 50 -10.73 22.23 -13.22
CA ASN B 50 -10.97 22.55 -14.62
C ASN B 50 -12.13 21.71 -15.15
N LYS B 51 -13.26 22.37 -15.48
CA LYS B 51 -14.52 21.69 -15.76
C LYS B 51 -14.43 20.86 -17.04
N LYS B 52 -13.55 21.25 -17.96
CA LYS B 52 -13.32 20.51 -19.19
C LYS B 52 -12.92 19.07 -18.90
N ASN B 53 -12.33 18.80 -17.73
CA ASN B 53 -11.91 17.45 -17.35
C ASN B 53 -12.34 17.13 -15.92
N LEU B 54 -13.63 17.29 -15.67
CA LEU B 54 -14.14 17.43 -14.31
C LEU B 54 -13.64 16.32 -13.38
N ALA B 55 -13.86 15.07 -13.78
CA ALA B 55 -13.63 13.94 -12.88
C ALA B 55 -12.14 13.79 -12.56
N LYS B 56 -11.27 13.85 -13.57
CA LYS B 56 -9.84 13.68 -13.38
C LYS B 56 -9.29 14.85 -12.57
N SER B 57 -9.81 16.05 -12.84
CA SER B 57 -9.42 17.27 -12.15
C SER B 57 -9.69 17.12 -10.66
N GLN B 58 -10.90 16.70 -10.33
CA GLN B 58 -11.32 16.49 -8.96
C GLN B 58 -10.43 15.47 -8.26
N THR B 59 -10.10 14.38 -8.97
CA THR B 59 -9.25 13.34 -8.42
C THR B 59 -7.84 13.89 -8.14
N LEU B 60 -7.21 14.58 -9.11
CA LEU B 60 -5.86 15.12 -8.94
C LEU B 60 -5.83 16.15 -7.80
N LEU B 61 -6.80 17.08 -7.74
CA LEU B 61 -6.77 18.09 -6.67
C LEU B 61 -6.83 17.41 -5.31
N GLY B 62 -7.70 16.40 -5.18
CA GLY B 62 -7.81 15.63 -3.95
C GLY B 62 -6.47 14.99 -3.53
N LYS B 63 -5.78 14.38 -4.49
CA LYS B 63 -4.50 13.76 -4.24
C LYS B 63 -3.45 14.81 -3.88
N GLU B 64 -3.48 15.95 -4.56
CA GLU B 64 -2.49 16.99 -4.31
C GLU B 64 -2.63 17.50 -2.87
N ILE B 65 -3.87 17.63 -2.37
CA ILE B 65 -4.08 18.02 -0.97
C ILE B 65 -3.36 17.06 -0.02
N LYS B 66 -3.48 15.75 -0.29
CA LYS B 66 -2.88 14.75 0.59
C LYS B 66 -1.35 14.84 0.62
N ILE B 67 -0.74 15.09 -0.52
CA ILE B 67 0.69 15.29 -0.59
C ILE B 67 1.10 16.63 0.06
N LEU B 68 0.51 17.73 -0.38
CA LEU B 68 1.00 19.05 0.02
C LEU B 68 0.83 19.30 1.51
N LYS B 69 -0.16 18.67 2.15
CA LYS B 69 -0.37 18.91 3.57
C LYS B 69 0.78 18.30 4.37
N GLU B 70 1.60 17.44 3.75
CA GLU B 70 2.73 16.86 4.47
C GLU B 70 4.02 17.62 4.21
N LEU B 71 3.98 18.71 3.43
CA LEU B 71 5.22 19.33 2.98
C LEU B 71 5.27 20.78 3.46
N LYS B 72 6.15 21.04 4.42
CA LYS B 72 6.30 22.39 4.94
C LYS B 72 7.75 22.77 4.75
N HIS B 73 8.04 23.60 3.74
CA HIS B 73 9.40 23.96 3.40
C HIS B 73 9.38 25.30 2.68
N GLU B 74 10.41 26.11 2.91
CA GLU B 74 10.56 27.41 2.30
C GLU B 74 10.57 27.32 0.77
N ASN B 75 11.03 26.20 0.20
CA ASN B 75 11.19 26.10 -1.24
C ASN B 75 10.13 25.19 -1.85
N ILE B 76 9.03 24.94 -1.12
CA ILE B 76 7.85 24.30 -1.66
C ILE B 76 6.67 25.22 -1.41
N VAL B 77 5.90 25.55 -2.46
CA VAL B 77 4.73 26.39 -2.29
C VAL B 77 3.81 25.82 -1.23
N ALA B 78 3.39 26.65 -0.29
CA ALA B 78 2.73 26.15 0.91
C ALA B 78 1.24 26.06 0.65
N LEU B 79 0.64 25.05 1.26
CA LEU B 79 -0.81 24.90 1.35
C LEU B 79 -1.30 25.54 2.64
N TYR B 80 -2.01 26.66 2.52
CA TYR B 80 -2.54 27.36 3.69
C TYR B 80 -3.84 26.70 4.13
N ASP B 81 -4.68 26.33 3.16
CA ASP B 81 -5.94 25.72 3.48
C ASP B 81 -6.46 25.05 2.22
N PHE B 82 -7.56 24.33 2.36
CA PHE B 82 -8.17 23.66 1.24
C PHE B 82 -9.62 23.36 1.62
N GLN B 83 -10.40 23.05 0.60
CA GLN B 83 -11.77 22.69 0.85
C GLN B 83 -12.22 21.66 -0.15
N GLU B 84 -12.50 20.47 0.37
CA GLU B 84 -12.92 19.36 -0.47
C GLU B 84 -14.37 18.97 -0.11
N MET B 85 -15.19 18.91 -1.16
CA MET B 85 -16.59 18.53 -1.08
C MET B 85 -16.87 17.53 -2.19
N ALA B 86 -18.10 17.02 -2.22
CA ALA B 86 -18.45 16.01 -3.20
C ALA B 86 -18.30 16.56 -4.61
N ASN B 87 -18.61 17.85 -4.82
CA ASN B 87 -18.71 18.37 -6.18
C ASN B 87 -17.76 19.54 -6.45
N SER B 88 -16.90 19.87 -5.49
CA SER B 88 -15.98 20.98 -5.66
C SER B 88 -14.75 20.72 -4.80
N VAL B 89 -13.59 21.20 -5.24
CA VAL B 89 -12.35 21.14 -4.48
CA VAL B 89 -12.38 21.17 -4.43
C VAL B 89 -11.53 22.41 -4.75
N TYR B 90 -10.93 22.97 -3.69
CA TYR B 90 -10.11 24.16 -3.77
C TYR B 90 -8.85 23.93 -2.95
N LEU B 91 -7.72 24.41 -3.48
CA LEU B 91 -6.52 24.51 -2.66
C LEU B 91 -6.17 25.99 -2.55
N VAL B 92 -5.94 26.44 -1.32
CA VAL B 92 -5.50 27.79 -1.08
C VAL B 92 -4.01 27.76 -0.76
N MET B 93 -3.22 28.32 -1.68
CA MET B 93 -1.78 28.23 -1.60
C MET B 93 -1.13 29.62 -1.50
N GLU B 94 0.10 29.59 -0.99
CA GLU B 94 1.07 30.65 -1.10
C GLU B 94 1.06 31.20 -2.52
N TYR B 95 1.00 32.53 -2.63
CA TYR B 95 1.19 33.22 -3.90
C TYR B 95 2.68 33.54 -4.06
N CYS B 96 3.23 33.21 -5.23
CA CYS B 96 4.62 33.52 -5.52
C CYS B 96 4.66 34.76 -6.42
N ASN B 97 5.13 35.87 -5.86
CA ASN B 97 4.93 37.16 -6.49
C ASN B 97 5.93 37.38 -7.61
N GLY B 98 6.92 36.49 -7.79
CA GLY B 98 7.92 36.68 -8.84
C GLY B 98 7.59 36.02 -10.18
N GLY B 99 6.44 35.31 -10.25
CA GLY B 99 6.11 34.54 -11.43
C GLY B 99 6.96 33.25 -11.53
N ASP B 100 7.04 32.69 -12.74
CA ASP B 100 7.70 31.41 -12.93
C ASP B 100 9.06 31.60 -13.60
N LEU B 101 9.82 30.50 -13.55
CA LEU B 101 11.16 30.48 -14.10
C LEU B 101 11.07 30.57 -15.63
N ALA B 102 10.01 30.01 -16.23
CA ALA B 102 9.88 30.09 -17.67
C ALA B 102 9.90 31.54 -18.17
N ASP B 103 9.13 32.42 -17.51
CA ASP B 103 9.04 33.81 -17.94
C ASP B 103 10.37 34.53 -17.72
N TYR B 104 11.02 34.23 -16.58
CA TYR B 104 12.28 34.83 -16.24
C TYR B 104 13.33 34.47 -17.29
N LEU B 105 13.32 33.22 -17.76
CA LEU B 105 14.24 32.72 -18.78
C LEU B 105 13.93 33.34 -20.13
N HIS B 106 12.65 33.53 -20.45
CA HIS B 106 12.27 34.20 -21.67
C HIS B 106 12.91 35.60 -21.69
N ALA B 107 12.99 36.28 -20.55
CA ALA B 107 13.54 37.62 -20.54
C ALA B 107 15.07 37.61 -20.52
N MET B 108 15.68 36.74 -19.71
CA MET B 108 17.11 36.74 -19.51
C MET B 108 17.82 35.97 -20.63
N ARG B 109 17.14 34.98 -21.25
CA ARG B 109 17.69 34.11 -22.29
C ARG B 109 18.59 33.04 -21.64
N THR B 110 19.56 33.47 -20.83
CA THR B 110 20.40 32.53 -20.11
C THR B 110 20.71 33.14 -18.75
N LEU B 111 21.04 32.30 -17.79
CA LEU B 111 21.38 32.72 -16.45
C LEU B 111 22.86 32.46 -16.21
N SER B 112 23.46 33.31 -15.37
CA SER B 112 24.81 33.10 -14.89
C SER B 112 24.88 31.83 -14.05
N GLU B 113 26.10 31.27 -13.92
CA GLU B 113 26.34 30.14 -13.05
C GLU B 113 25.99 30.50 -11.62
N ASP B 114 26.22 31.75 -11.20
CA ASP B 114 25.91 32.16 -9.84
C ASP B 114 24.40 32.13 -9.56
N THR B 115 23.59 32.59 -10.51
CA THR B 115 22.14 32.52 -10.37
C THR B 115 21.69 31.06 -10.37
N ILE B 116 22.21 30.26 -11.30
CA ILE B 116 21.90 28.85 -11.39
C ILE B 116 22.20 28.19 -10.06
N ARG B 117 23.37 28.49 -9.50
CA ARG B 117 23.75 27.88 -8.24
C ARG B 117 22.75 28.26 -7.15
N LEU B 118 22.40 29.54 -7.07
CA LEU B 118 21.46 30.01 -6.06
C LEU B 118 20.14 29.26 -6.20
N PHE B 119 19.63 29.17 -7.43
CA PHE B 119 18.34 28.52 -7.64
C PHE B 119 18.43 27.03 -7.31
N LEU B 120 19.56 26.40 -7.69
CA LEU B 120 19.66 24.96 -7.59
C LEU B 120 19.89 24.54 -6.16
N GLN B 121 20.62 25.35 -5.37
CA GLN B 121 20.73 25.08 -3.94
C GLN B 121 19.34 24.97 -3.31
N GLN B 122 18.42 25.87 -3.72
CA GLN B 122 17.10 25.92 -3.12
C GLN B 122 16.27 24.73 -3.58
N ILE B 123 16.28 24.44 -4.88
CA ILE B 123 15.58 23.29 -5.40
C ILE B 123 16.08 22.03 -4.70
N ALA B 124 17.41 21.96 -4.50
CA ALA B 124 18.01 20.79 -3.84
C ALA B 124 17.48 20.65 -2.42
N GLY B 125 17.32 21.78 -1.71
CA GLY B 125 16.76 21.75 -0.37
C GLY B 125 15.34 21.16 -0.34
N ALA B 126 14.50 21.55 -1.30
CA ALA B 126 13.16 20.99 -1.42
C ALA B 126 13.22 19.49 -1.74
N MET B 127 14.06 19.11 -2.69
CA MET B 127 14.17 17.72 -3.08
C MET B 127 14.65 16.84 -1.92
N ARG B 128 15.43 17.43 -1.01
CA ARG B 128 15.89 16.69 0.15
C ARG B 128 14.69 16.27 1.01
N LEU B 129 13.71 17.15 1.14
CA LEU B 129 12.53 16.84 1.92
C LEU B 129 11.68 15.81 1.18
N LEU B 130 11.40 16.04 -0.12
CA LEU B 130 10.66 15.08 -0.93
C LEU B 130 11.28 13.69 -0.81
N HIS B 131 12.60 13.62 -0.96
CA HIS B 131 13.30 12.34 -0.95
C HIS B 131 13.20 11.69 0.43
N SER B 132 13.34 12.47 1.51
CA SER B 132 13.22 11.92 2.84
C SER B 132 11.79 11.49 3.14
N LYS B 133 10.77 12.12 2.54
CA LYS B 133 9.38 11.71 2.72
C LYS B 133 8.99 10.55 1.77
N GLY B 134 9.85 10.23 0.80
CA GLY B 134 9.53 9.20 -0.17
C GLY B 134 8.53 9.68 -1.26
N ILE B 135 8.55 10.97 -1.59
CA ILE B 135 7.65 11.57 -2.57
C ILE B 135 8.43 11.93 -3.83
N ILE B 136 7.85 11.59 -4.99
CA ILE B 136 8.37 12.00 -6.27
C ILE B 136 7.38 12.97 -6.90
N HIS B 137 7.91 13.99 -7.60
CA HIS B 137 7.09 15.07 -8.10
C HIS B 137 6.47 14.75 -9.46
N ARG B 138 7.33 14.40 -10.45
CA ARG B 138 6.95 13.90 -11.77
C ARG B 138 6.51 14.99 -12.75
N ASP B 139 6.58 16.26 -12.37
CA ASP B 139 6.30 17.29 -13.36
C ASP B 139 7.20 18.51 -13.15
N LEU B 140 8.49 18.27 -12.90
CA LEU B 140 9.38 19.41 -12.72
C LEU B 140 9.73 20.01 -14.08
N LYS B 141 9.54 21.33 -14.19
CA LYS B 141 9.80 22.09 -15.40
C LYS B 141 9.72 23.59 -15.05
N PRO B 142 10.26 24.50 -15.89
CA PRO B 142 10.36 25.91 -15.52
C PRO B 142 9.04 26.57 -15.13
N GLN B 143 7.95 26.11 -15.73
CA GLN B 143 6.64 26.67 -15.45
C GLN B 143 6.20 26.35 -14.01
N ASN B 144 6.85 25.37 -13.39
CA ASN B 144 6.48 24.92 -12.05
C ASN B 144 7.58 25.22 -11.03
N ILE B 145 8.58 25.99 -11.44
CA ILE B 145 9.49 26.61 -10.50
C ILE B 145 9.10 28.07 -10.40
N LEU B 146 8.68 28.50 -9.22
CA LEU B 146 8.17 29.86 -9.08
C LEU B 146 9.17 30.68 -8.25
N LEU B 147 9.13 31.98 -8.49
CA LEU B 147 10.00 32.95 -7.83
C LEU B 147 9.17 33.75 -6.81
N SER B 148 9.80 34.06 -5.68
CA SER B 148 9.15 34.78 -4.61
C SER B 148 10.13 35.76 -3.98
N ASN B 149 9.74 37.04 -3.92
CA ASN B 149 10.43 38.05 -3.15
C ASN B 149 9.72 38.27 -1.81
N PRO B 150 10.28 37.86 -0.67
CA PRO B 150 9.58 37.96 0.61
C PRO B 150 9.21 39.40 0.95
N ALA B 151 8.11 39.55 1.71
CA ALA B 151 7.85 40.77 2.45
C ALA B 151 8.88 40.90 3.58
N GLY B 152 9.03 42.11 4.12
CA GLY B 152 10.02 42.39 5.15
C GLY B 152 11.13 43.29 4.61
N ARG B 153 12.21 43.46 5.39
CA ARG B 153 13.30 44.36 5.02
C ARG B 153 14.34 43.66 4.15
N ARG B 154 14.37 42.31 4.16
CA ARG B 154 15.29 41.54 3.33
C ARG B 154 16.71 42.07 3.59
N ALA B 155 17.16 41.87 4.83
CA ALA B 155 18.53 42.16 5.25
C ALA B 155 19.47 41.08 4.70
N ASN B 156 18.90 39.89 4.44
CA ASN B 156 19.67 38.72 4.06
C ASN B 156 20.09 38.85 2.58
N PRO B 157 21.32 38.41 2.22
CA PRO B 157 21.77 38.48 0.83
C PRO B 157 20.99 37.49 -0.05
N ASN B 158 20.81 37.82 -1.32
CA ASN B 158 20.13 36.94 -2.26
C ASN B 158 18.79 36.42 -1.70
N SER B 159 17.93 37.38 -1.35
CA SER B 159 16.67 37.10 -0.68
C SER B 159 15.65 36.40 -1.60
N ILE B 160 15.82 36.42 -2.92
CA ILE B 160 14.85 35.79 -3.82
C ILE B 160 14.77 34.27 -3.57
N ARG B 161 13.53 33.77 -3.49
CA ARG B 161 13.26 32.38 -3.16
C ARG B 161 12.72 31.70 -4.41
N VAL B 162 13.19 30.47 -4.68
CA VAL B 162 12.53 29.63 -5.66
C VAL B 162 11.74 28.56 -4.91
N LYS B 163 10.57 28.24 -5.47
CA LYS B 163 9.62 27.34 -4.85
C LYS B 163 9.04 26.39 -5.89
N ILE B 164 9.01 25.11 -5.52
CA ILE B 164 8.46 24.09 -6.40
C ILE B 164 6.94 24.09 -6.24
N ALA B 165 6.27 24.13 -7.39
CA ALA B 165 4.82 24.12 -7.43
C ALA B 165 4.31 22.89 -8.16
N ASP B 166 3.00 22.68 -8.01
CA ASP B 166 2.18 21.78 -8.81
C ASP B 166 2.54 20.32 -8.51
N PHE B 167 1.96 19.80 -7.42
CA PHE B 167 2.14 18.45 -6.94
C PHE B 167 0.98 17.53 -7.39
N GLY B 168 0.29 17.89 -8.47
CA GLY B 168 -0.87 17.17 -8.93
C GLY B 168 -0.55 15.77 -9.48
N PHE B 169 0.68 15.56 -9.97
CA PHE B 169 1.08 14.25 -10.44
C PHE B 169 1.99 13.55 -9.44
N ALA B 170 2.21 14.16 -8.28
CA ALA B 170 3.14 13.59 -7.29
C ALA B 170 2.57 12.33 -6.65
N ARG B 171 3.45 11.50 -6.12
CA ARG B 171 3.05 10.29 -5.42
C ARG B 171 4.12 9.83 -4.44
N TYR B 172 3.68 9.09 -3.42
CA TYR B 172 4.57 8.30 -2.58
C TYR B 172 5.10 7.12 -3.40
N LEU B 173 6.38 6.83 -3.24
CA LEU B 173 6.97 5.63 -3.82
C LEU B 173 7.88 5.03 -2.76
N GLN B 174 7.52 3.83 -2.34
CA GLN B 174 8.31 3.09 -1.39
C GLN B 174 9.68 2.79 -2.01
N SER B 175 10.70 2.81 -1.17
CA SER B 175 12.09 2.84 -1.61
C SER B 175 12.50 1.58 -2.38
N ASN B 176 11.77 0.47 -2.19
CA ASN B 176 12.10 -0.73 -2.94
C ASN B 176 11.15 -0.96 -4.12
N MET B 177 10.33 0.03 -4.50
CA MET B 177 9.37 -0.12 -5.57
CA MET B 177 9.37 -0.13 -5.58
C MET B 177 9.68 0.85 -6.72
N MET B 178 9.00 0.66 -7.85
CA MET B 178 9.13 1.53 -9.01
CA MET B 178 9.13 1.54 -9.00
C MET B 178 7.75 1.99 -9.45
N ALA B 179 7.69 3.20 -10.01
CA ALA B 179 6.47 3.73 -10.59
C ALA B 179 6.42 3.41 -12.09
N ALA B 180 5.19 3.46 -12.65
CA ALA B 180 5.03 3.20 -14.08
C ALA B 180 3.97 4.08 -14.73
N LEU B 182 2.54 6.90 -16.83
CA LEU B 182 3.04 7.84 -17.80
C LEU B 182 2.43 9.20 -17.49
N CYS B 183 3.21 10.11 -16.93
CA CYS B 183 2.75 11.48 -16.74
C CYS B 183 3.95 12.42 -16.84
N GLY B 184 3.65 13.70 -17.00
CA GLY B 184 4.65 14.76 -16.99
C GLY B 184 4.69 15.46 -18.35
N SER B 185 5.72 16.28 -18.58
CA SER B 185 5.87 17.04 -19.79
C SER B 185 7.04 16.46 -20.58
N PRO B 186 6.78 15.95 -21.80
CA PRO B 186 7.75 15.14 -22.54
C PRO B 186 9.17 15.71 -22.64
N MET B 187 9.27 17.04 -22.79
CA MET B 187 10.60 17.63 -22.95
C MET B 187 11.38 17.52 -21.64
N TYR B 188 10.71 17.29 -20.50
CA TYR B 188 11.41 17.21 -19.23
C TYR B 188 11.39 15.80 -18.65
N MET B 189 10.75 14.87 -19.35
CA MET B 189 10.61 13.50 -18.86
C MET B 189 11.94 12.76 -18.97
N ALA B 190 12.30 11.97 -17.95
CA ALA B 190 13.44 11.08 -18.07
C ALA B 190 13.18 10.07 -19.19
N PRO B 191 14.23 9.59 -19.86
CA PRO B 191 14.05 8.58 -20.91
C PRO B 191 13.23 7.37 -20.46
N GLU B 192 13.52 6.86 -19.27
CA GLU B 192 12.79 5.69 -18.79
C GLU B 192 11.30 6.02 -18.70
N VAL B 193 10.93 7.27 -18.41
CA VAL B 193 9.52 7.59 -18.29
C VAL B 193 8.85 7.61 -19.67
N ILE B 194 9.47 8.29 -20.62
CA ILE B 194 8.83 8.47 -21.92
C ILE B 194 8.91 7.18 -22.73
N MET B 195 9.88 6.30 -22.45
CA MET B 195 9.91 4.98 -23.09
C MET B 195 9.00 3.99 -22.34
N SER B 196 8.10 4.45 -21.47
CA SER B 196 7.11 3.59 -20.82
C SER B 196 7.75 2.49 -19.97
N GLN B 197 8.90 2.76 -19.39
CA GLN B 197 9.52 1.79 -18.49
C GLN B 197 9.19 2.16 -17.04
N HIS B 198 9.59 1.26 -16.13
CA HIS B 198 9.53 1.55 -14.72
C HIS B 198 10.51 2.68 -14.39
N TYR B 199 10.20 3.49 -13.38
CA TYR B 199 11.11 4.54 -12.96
C TYR B 199 11.01 4.77 -11.46
N ASP B 200 11.94 5.59 -10.95
CA ASP B 200 12.03 5.90 -9.53
C ASP B 200 12.30 7.40 -9.38
N GLY B 201 12.79 7.75 -8.19
CA GLY B 201 13.03 9.12 -7.79
C GLY B 201 14.07 9.82 -8.65
N LYS B 202 14.90 9.04 -9.36
CA LYS B 202 15.94 9.62 -10.19
C LYS B 202 15.36 10.23 -11.47
N ALA B 203 14.12 9.90 -11.81
CA ALA B 203 13.50 10.54 -12.94
C ALA B 203 13.42 12.05 -12.69
N ASP B 204 13.10 12.48 -11.46
CA ASP B 204 13.03 13.92 -11.18
C ASP B 204 14.40 14.56 -11.39
N LEU B 205 15.47 13.81 -11.13
CA LEU B 205 16.81 14.39 -11.21
C LEU B 205 17.16 14.70 -12.67
N TRP B 206 16.70 13.86 -13.60
CA TRP B 206 16.83 14.15 -15.02
C TRP B 206 16.11 15.45 -15.36
N SER B 207 14.86 15.59 -14.89
CA SER B 207 14.10 16.81 -15.13
C SER B 207 14.88 18.02 -14.64
N ILE B 208 15.47 17.90 -13.44
CA ILE B 208 16.22 18.99 -12.86
C ILE B 208 17.45 19.28 -13.73
N GLY B 209 18.14 18.22 -14.15
CA GLY B 209 19.26 18.37 -15.06
C GLY B 209 18.86 19.09 -16.34
N THR B 210 17.69 18.79 -16.88
CA THR B 210 17.22 19.45 -18.09
CA THR B 210 17.21 19.44 -18.09
C THR B 210 16.96 20.92 -17.81
N ILE B 211 16.38 21.22 -16.64
CA ILE B 211 16.09 22.61 -16.31
C ILE B 211 17.39 23.40 -16.19
N VAL B 212 18.39 22.79 -15.53
CA VAL B 212 19.66 23.45 -15.33
C VAL B 212 20.36 23.68 -16.68
N TYR B 213 20.31 22.70 -17.58
CA TYR B 213 20.92 22.86 -18.89
C TYR B 213 20.28 24.02 -19.64
N GLN B 214 18.95 24.07 -19.57
CA GLN B 214 18.21 25.11 -20.26
C GLN B 214 18.55 26.49 -19.69
N CYS B 215 18.72 26.59 -18.37
CA CYS B 215 19.13 27.84 -17.74
C CYS B 215 20.50 28.27 -18.28
N LEU B 216 21.43 27.32 -18.42
CA LEU B 216 22.81 27.62 -18.81
C LEU B 216 22.89 28.06 -20.26
N THR B 217 22.17 27.39 -21.16
CA THR B 217 22.39 27.50 -22.59
C THR B 217 21.20 28.11 -23.32
N GLY B 218 20.05 28.19 -22.66
CA GLY B 218 18.85 28.69 -23.31
C GLY B 218 18.18 27.67 -24.22
N LYS B 219 18.63 26.41 -24.22
CA LYS B 219 17.94 25.39 -25.01
C LYS B 219 17.87 24.06 -24.28
N ALA B 220 17.06 23.16 -24.87
CA ALA B 220 16.93 21.79 -24.42
C ALA B 220 18.20 21.03 -24.79
N PRO B 221 18.68 20.10 -23.95
CA PRO B 221 19.85 19.31 -24.32
C PRO B 221 19.57 18.32 -25.45
N PHE B 222 18.32 17.92 -25.64
CA PHE B 222 17.96 16.94 -26.64
C PHE B 222 16.66 17.41 -27.29
N GLN B 223 16.82 17.97 -28.50
CA GLN B 223 15.74 18.64 -29.21
C GLN B 223 15.09 17.65 -30.17
N ALA B 224 13.78 17.78 -30.34
CA ALA B 224 13.04 17.00 -31.30
C ALA B 224 11.79 17.77 -31.66
N SER B 225 11.20 17.41 -32.81
CA SER B 225 10.06 18.11 -33.35
C SER B 225 8.80 17.75 -32.58
N SER B 226 8.80 16.58 -31.92
CA SER B 226 7.62 16.07 -31.26
C SER B 226 7.99 15.14 -30.10
N PRO B 227 7.05 14.91 -29.14
CA PRO B 227 7.21 13.85 -28.15
C PRO B 227 7.64 12.49 -28.72
N GLN B 228 6.98 12.05 -29.82
CA GLN B 228 7.27 10.77 -30.46
C GLN B 228 8.72 10.75 -30.97
N ASP B 229 9.17 11.87 -31.56
CA ASP B 229 10.52 11.97 -32.10
C ASP B 229 11.53 11.86 -30.96
N LEU B 230 11.23 12.55 -29.85
CA LEU B 230 12.11 12.53 -28.69
C LEU B 230 12.21 11.12 -28.15
N ARG B 231 11.06 10.43 -28.06
CA ARG B 231 11.04 9.04 -27.62
C ARG B 231 11.94 8.16 -28.52
N LEU B 232 11.77 8.29 -29.83
CA LEU B 232 12.53 7.48 -30.78
C LEU B 232 14.02 7.82 -30.69
N PHE B 233 14.32 9.12 -30.49
CA PHE B 233 15.68 9.54 -30.27
C PHE B 233 16.29 8.78 -29.09
N TYR B 234 15.59 8.74 -27.94
CA TYR B 234 16.15 8.10 -26.76
C TYR B 234 16.31 6.59 -27.00
N GLU B 235 15.31 5.99 -27.68
CA GLU B 235 15.35 4.56 -28.01
C GLU B 235 16.62 4.20 -28.79
N LYS B 236 16.94 4.99 -29.83
CA LYS B 236 18.02 4.67 -30.76
C LYS B 236 19.41 4.97 -30.20
N ASN B 237 19.50 5.85 -29.20
CA ASN B 237 20.78 6.30 -28.71
C ASN B 237 21.00 5.76 -27.30
N LYS B 238 21.84 4.73 -27.21
CA LYS B 238 22.10 4.05 -25.95
C LYS B 238 23.00 4.89 -25.05
N THR B 239 23.88 5.71 -25.62
CA THR B 239 24.51 6.77 -24.86
C THR B 239 23.89 8.09 -25.28
N LEU B 240 23.74 9.00 -24.31
CA LEU B 240 23.32 10.37 -24.59
C LEU B 240 24.38 11.31 -24.02
N VAL B 241 24.95 12.17 -24.87
CA VAL B 241 25.89 13.15 -24.35
CA VAL B 241 25.89 13.15 -24.34
C VAL B 241 25.39 14.53 -24.75
N PRO B 242 25.04 15.38 -23.75
CA PRO B 242 24.58 16.73 -24.06
C PRO B 242 25.80 17.59 -24.43
N THR B 243 25.61 18.53 -25.34
CA THR B 243 26.66 19.49 -25.66
C THR B 243 26.74 20.56 -24.58
N ILE B 244 27.86 20.61 -23.88
CA ILE B 244 28.11 21.62 -22.87
C ILE B 244 29.11 22.67 -23.35
N PRO B 245 28.79 23.98 -23.30
CA PRO B 245 29.74 25.03 -23.71
C PRO B 245 31.07 24.92 -22.99
N ALA B 246 32.13 25.24 -23.75
CA ALA B 246 33.52 25.11 -23.31
C ALA B 246 33.77 25.96 -22.08
N ALA B 247 33.11 27.12 -22.00
CA ALA B 247 33.29 28.05 -20.91
C ALA B 247 32.73 27.54 -19.57
N THR B 248 31.88 26.49 -19.60
CA THR B 248 31.19 26.06 -18.41
C THR B 248 32.22 25.66 -17.36
N SER B 249 31.99 26.01 -16.10
CA SER B 249 32.86 25.59 -15.02
C SER B 249 32.84 24.06 -14.91
N ALA B 250 33.92 23.53 -14.31
CA ALA B 250 34.14 22.10 -14.30
C ALA B 250 33.07 21.44 -13.43
N PRO B 251 32.77 21.95 -12.21
CA PRO B 251 31.71 21.37 -11.39
C PRO B 251 30.33 21.39 -12.06
N LEU B 252 29.98 22.46 -12.78
CA LEU B 252 28.69 22.50 -13.43
C LEU B 252 28.63 21.48 -14.57
N ARG B 253 29.72 21.35 -15.33
CA ARG B 253 29.80 20.34 -16.38
C ARG B 253 29.61 18.95 -15.76
N GLN B 254 30.34 18.66 -14.67
CA GLN B 254 30.28 17.34 -14.04
C GLN B 254 28.84 17.04 -13.60
N LEU B 255 28.17 18.06 -13.02
CA LEU B 255 26.81 17.89 -12.50
CA LEU B 255 26.81 17.88 -12.49
C LEU B 255 25.86 17.58 -13.64
N LEU B 256 25.98 18.36 -14.73
CA LEU B 256 25.09 18.14 -15.85
C LEU B 256 25.28 16.78 -16.48
N LEU B 257 26.53 16.30 -16.61
CA LEU B 257 26.76 15.03 -17.29
C LEU B 257 26.23 13.90 -16.42
N ALA B 258 26.37 14.03 -15.09
CA ALA B 258 25.88 13.04 -14.16
C ALA B 258 24.34 13.03 -14.02
N LEU B 259 23.67 14.19 -14.11
CA LEU B 259 22.21 14.24 -14.09
C LEU B 259 21.61 13.79 -15.40
N LEU B 260 22.22 14.15 -16.53
CA LEU B 260 21.64 13.80 -17.82
C LEU B 260 22.23 12.50 -18.35
N GLN B 261 22.21 11.46 -17.51
CA GLN B 261 22.49 10.10 -17.94
C GLN B 261 21.19 9.40 -18.33
N ARG B 262 21.18 8.82 -19.53
CA ARG B 262 20.04 8.17 -20.12
C ARG B 262 19.53 7.05 -19.24
N ASN B 263 20.45 6.26 -18.68
CA ASN B 263 20.10 5.08 -17.91
C ASN B 263 20.10 5.43 -16.44
N HIS B 264 18.95 5.16 -15.80
CA HIS B 264 18.76 5.63 -14.44
C HIS B 264 19.75 4.96 -13.49
N LYS B 265 20.16 3.73 -13.77
CA LYS B 265 21.15 3.05 -12.93
C LYS B 265 22.45 3.85 -12.86
N ASP B 266 22.84 4.51 -13.97
CA ASP B 266 24.07 5.27 -14.04
C ASP B 266 23.90 6.70 -13.51
N ARG B 267 22.66 7.17 -13.37
CA ARG B 267 22.41 8.58 -13.11
C ARG B 267 22.82 8.94 -11.68
N MET B 268 23.25 10.19 -11.49
CA MET B 268 23.52 10.72 -10.16
C MET B 268 22.40 10.34 -9.20
N ASP B 269 22.76 9.96 -7.97
CA ASP B 269 21.74 9.68 -6.96
C ASP B 269 21.60 10.89 -6.03
N PHE B 270 20.66 10.79 -5.09
CA PHE B 270 20.23 11.96 -4.35
C PHE B 270 21.36 12.48 -3.47
N ASP B 271 22.07 11.56 -2.84
CA ASP B 271 23.10 11.97 -1.92
C ASP B 271 24.22 12.70 -2.67
N GLU B 272 24.60 12.19 -3.84
CA GLU B 272 25.59 12.86 -4.66
C GLU B 272 25.09 14.25 -5.03
N PHE B 273 23.80 14.36 -5.37
CA PHE B 273 23.25 15.61 -5.84
C PHE B 273 23.29 16.65 -4.73
N PHE B 274 22.84 16.25 -3.54
CA PHE B 274 22.71 17.15 -2.41
C PHE B 274 24.07 17.70 -1.96
N HIS B 275 25.13 16.89 -2.13
CA HIS B 275 26.46 17.24 -1.67
C HIS B 275 27.35 17.63 -2.84
N HIS B 276 26.80 17.91 -4.02
CA HIS B 276 27.63 18.10 -5.20
C HIS B 276 28.47 19.37 -5.05
N PRO B 277 29.76 19.35 -5.45
CA PRO B 277 30.60 20.56 -5.34
C PRO B 277 30.06 21.82 -6.00
N PHE B 278 29.29 21.69 -7.09
CA PHE B 278 28.72 22.86 -7.72
C PHE B 278 27.85 23.66 -6.75
N LEU B 279 27.23 22.99 -5.76
CA LEU B 279 26.35 23.65 -4.81
C LEU B 279 27.09 24.29 -3.64
N ASP B 280 28.40 24.10 -3.50
CA ASP B 280 29.11 24.67 -2.37
C ASP B 280 29.27 26.17 -2.56
N ALA B 281 29.57 26.58 -3.82
CA ALA B 281 30.69 27.47 -4.12
C ALA B 281 30.32 28.94 -3.89
N THR C 9 19.88 -34.08 -15.75
CA THR C 9 18.74 -34.13 -14.79
C THR C 9 19.01 -33.28 -13.55
N GLU C 10 18.36 -32.10 -13.52
CA GLU C 10 18.39 -31.20 -12.38
C GLU C 10 17.28 -31.56 -11.40
N THR C 11 17.47 -31.21 -10.12
CA THR C 11 16.47 -31.49 -9.10
C THR C 11 16.08 -30.19 -8.38
N VAL C 12 14.88 -30.16 -7.80
CA VAL C 12 14.39 -29.02 -7.05
C VAL C 12 13.46 -29.61 -6.00
N GLY C 13 13.87 -29.59 -4.73
CA GLY C 13 13.06 -30.21 -3.68
C GLY C 13 12.80 -31.66 -4.06
N LYS C 14 11.55 -32.10 -3.93
CA LYS C 14 11.20 -33.47 -4.23
C LYS C 14 10.91 -33.71 -5.72
N PHE C 15 11.46 -32.87 -6.63
CA PHE C 15 11.07 -32.90 -8.03
C PHE C 15 12.31 -32.88 -8.93
N GLU C 16 12.15 -33.31 -10.19
CA GLU C 16 13.25 -33.28 -11.13
C GLU C 16 12.77 -33.05 -12.56
N PHE C 17 13.70 -32.60 -13.40
CA PHE C 17 13.40 -32.33 -14.78
C PHE C 17 14.69 -32.31 -15.59
N SER C 18 14.53 -32.37 -16.92
CA SER C 18 15.63 -32.22 -17.85
C SER C 18 15.37 -31.04 -18.78
N ARG C 19 16.42 -30.28 -19.06
CA ARG C 19 16.26 -29.11 -19.92
C ARG C 19 16.00 -29.50 -21.37
N LYS C 20 15.89 -30.80 -21.67
CA LYS C 20 15.57 -31.17 -23.04
C LYS C 20 14.06 -31.29 -23.21
N ASP C 21 13.28 -31.18 -22.11
CA ASP C 21 11.83 -31.34 -22.16
C ASP C 21 11.17 -29.97 -22.06
N LEU C 22 11.55 -29.06 -22.97
CA LEU C 22 11.00 -27.72 -23.04
C LEU C 22 9.54 -27.82 -23.47
N ILE C 23 8.64 -27.15 -22.73
CA ILE C 23 7.23 -27.09 -23.10
C ILE C 23 6.77 -25.65 -23.21
N GLY C 24 7.60 -24.68 -22.85
CA GLY C 24 7.17 -23.29 -22.92
C GLY C 24 8.34 -22.33 -22.77
N HIS C 25 8.20 -21.15 -23.38
CA HIS C 25 9.25 -20.16 -23.39
C HIS C 25 8.65 -18.79 -23.70
N GLY C 26 9.19 -17.80 -23.01
CA GLY C 26 8.88 -16.41 -23.23
C GLY C 26 10.12 -15.61 -22.83
N ALA C 27 10.04 -14.29 -22.91
CA ALA C 27 11.18 -13.44 -22.68
C ALA C 27 11.66 -13.57 -21.23
N PHE C 28 10.75 -13.95 -20.31
CA PHE C 28 11.07 -13.88 -18.89
C PHE C 28 10.98 -15.23 -18.21
N ALA C 29 10.79 -16.31 -18.97
CA ALA C 29 10.80 -17.63 -18.35
C ALA C 29 10.93 -18.73 -19.39
N VAL C 30 11.37 -19.87 -18.91
CA VAL C 30 11.38 -21.12 -19.65
C VAL C 30 10.70 -22.16 -18.76
N VAL C 31 9.96 -23.08 -19.39
CA VAL C 31 9.22 -24.08 -18.64
C VAL C 31 9.58 -25.45 -19.17
N PHE C 32 9.83 -26.40 -18.27
CA PHE C 32 10.20 -27.75 -18.65
C PHE C 32 9.26 -28.73 -17.99
N LYS C 33 8.95 -29.83 -18.69
CA LYS C 33 8.20 -30.90 -18.08
C LYS C 33 9.12 -31.66 -17.15
N GLY C 34 8.57 -32.19 -16.06
CA GLY C 34 9.32 -32.94 -15.08
C GLY C 34 8.40 -33.83 -14.26
N ARG C 35 8.89 -34.29 -13.11
CA ARG C 35 8.14 -35.23 -12.30
C ARG C 35 8.60 -35.20 -10.84
N HIS C 36 7.78 -35.77 -9.96
CA HIS C 36 8.15 -36.07 -8.60
C HIS C 36 9.22 -37.18 -8.62
N ARG C 37 10.20 -37.09 -7.73
CA ARG C 37 11.34 -38.00 -7.74
C ARG C 37 10.97 -39.36 -7.18
N GLU C 38 9.97 -39.40 -6.29
CA GLU C 38 9.45 -40.64 -5.73
C GLU C 38 8.31 -41.17 -6.61
N LYS C 39 7.29 -40.35 -6.85
CA LYS C 39 6.11 -40.76 -7.61
C LYS C 39 6.29 -40.31 -9.07
N HIS C 40 6.92 -41.18 -9.88
CA HIS C 40 7.29 -40.81 -11.24
C HIS C 40 6.08 -40.45 -12.08
N ASP C 41 4.88 -40.89 -11.68
CA ASP C 41 3.66 -40.65 -12.43
C ASP C 41 3.06 -39.26 -12.13
N LEU C 42 3.52 -38.57 -11.08
CA LEU C 42 3.13 -37.17 -10.88
C LEU C 42 3.96 -36.25 -11.77
N GLU C 43 3.33 -35.74 -12.83
CA GLU C 43 4.02 -34.88 -13.78
C GLU C 43 3.96 -33.45 -13.27
N VAL C 44 4.97 -32.64 -13.61
CA VAL C 44 5.00 -31.26 -13.17
C VAL C 44 5.56 -30.42 -14.29
N ALA C 45 5.33 -29.11 -14.19
CA ALA C 45 5.99 -28.14 -15.04
C ALA C 45 6.88 -27.27 -14.17
N VAL C 46 8.15 -27.15 -14.55
CA VAL C 46 9.13 -26.45 -13.75
C VAL C 46 9.50 -25.19 -14.50
N LYS C 47 9.19 -24.04 -13.88
CA LYS C 47 9.42 -22.76 -14.51
C LYS C 47 10.71 -22.17 -13.96
N CYS C 48 11.54 -21.71 -14.89
CA CYS C 48 12.88 -21.25 -14.58
C CYS C 48 13.14 -19.89 -15.23
N ILE C 49 14.19 -19.26 -14.71
CA ILE C 49 14.74 -18.04 -15.24
C ILE C 49 15.04 -18.23 -16.72
N ASN C 50 14.80 -17.16 -17.50
CA ASN C 50 15.38 -16.99 -18.82
C ASN C 50 16.59 -16.07 -18.73
N LYS C 51 17.79 -16.63 -18.99
CA LYS C 51 19.06 -15.97 -18.74
C LYS C 51 19.23 -14.72 -19.62
N LYS C 52 18.60 -14.73 -20.79
CA LYS C 52 18.62 -13.59 -21.70
C LYS C 52 18.12 -12.31 -21.03
N ASN C 53 17.27 -12.44 -19.99
CA ASN C 53 16.72 -11.30 -19.29
C ASN C 53 16.79 -11.55 -17.78
N LEU C 54 17.99 -11.85 -17.29
CA LEU C 54 18.16 -12.47 -15.99
C LEU C 54 17.42 -11.69 -14.90
N ALA C 55 17.69 -10.39 -14.77
CA ALA C 55 17.19 -9.61 -13.66
C ALA C 55 15.66 -9.51 -13.68
N LYS C 56 15.06 -9.21 -14.83
CA LYS C 56 13.61 -9.04 -14.95
C LYS C 56 12.93 -10.40 -14.73
N SER C 57 13.56 -11.45 -15.26
CA SER C 57 13.06 -12.82 -15.14
C SER C 57 12.95 -13.19 -13.66
N GLN C 58 14.04 -12.95 -12.93
CA GLN C 58 14.12 -13.22 -11.52
C GLN C 58 13.02 -12.46 -10.76
N THR C 59 12.82 -11.18 -11.11
CA THR C 59 11.80 -10.37 -10.47
C THR C 59 10.40 -10.95 -10.73
N LEU C 60 10.07 -11.28 -11.99
CA LEU C 60 8.75 -11.79 -12.33
C LEU C 60 8.50 -13.13 -11.67
N LEU C 61 9.46 -14.05 -11.70
CA LEU C 61 9.21 -15.35 -11.08
C LEU C 61 8.94 -15.18 -9.60
N GLY C 62 9.74 -14.32 -8.94
CA GLY C 62 9.54 -14.01 -7.52
C GLY C 62 8.12 -13.49 -7.23
N LYS C 63 7.63 -12.57 -8.08
CA LYS C 63 6.31 -12.01 -7.92
C LYS C 63 5.25 -13.08 -8.15
N GLU C 64 5.48 -13.93 -9.14
CA GLU C 64 4.50 -14.96 -9.44
C GLU C 64 4.34 -15.92 -8.27
N ILE C 65 5.43 -16.28 -7.59
CA ILE C 65 5.34 -17.11 -6.39
C ILE C 65 4.41 -16.47 -5.36
N LYS C 66 4.56 -15.16 -5.14
CA LYS C 66 3.79 -14.46 -4.12
C LYS C 66 2.30 -14.48 -4.42
N ILE C 67 1.95 -14.29 -5.70
CA ILE C 67 0.55 -14.36 -6.12
C ILE C 67 0.04 -15.80 -6.06
N LEU C 68 0.74 -16.73 -6.74
CA LEU C 68 0.18 -18.07 -6.93
C LEU C 68 0.00 -18.80 -5.61
N LYS C 69 0.82 -18.51 -4.60
CA LYS C 69 0.67 -19.24 -3.35
C LYS C 69 -0.61 -18.83 -2.64
N GLU C 70 -1.28 -17.76 -3.09
CA GLU C 70 -2.54 -17.37 -2.49
C GLU C 70 -3.75 -17.88 -3.28
N LEU C 71 -3.52 -18.63 -4.36
CA LEU C 71 -4.61 -18.97 -5.27
C LEU C 71 -4.72 -20.48 -5.40
N LYS C 72 -5.72 -21.09 -4.78
CA LYS C 72 -5.90 -22.53 -4.93
C LYS C 72 -7.28 -22.74 -5.53
N HIS C 73 -7.31 -23.13 -6.82
CA HIS C 73 -8.57 -23.33 -7.52
C HIS C 73 -8.37 -24.37 -8.62
N GLU C 74 -9.40 -25.16 -8.88
CA GLU C 74 -9.33 -26.17 -9.92
C GLU C 74 -9.05 -25.58 -11.31
N ASN C 75 -9.37 -24.28 -11.53
CA ASN C 75 -9.17 -23.67 -12.83
C ASN C 75 -8.00 -22.69 -12.84
N ILE C 76 -7.12 -22.79 -11.83
CA ILE C 76 -5.88 -22.05 -11.81
C ILE C 76 -4.74 -23.06 -11.62
N VAL C 77 -3.72 -23.01 -12.46
CA VAL C 77 -2.61 -23.95 -12.36
CA VAL C 77 -2.58 -23.92 -12.37
C VAL C 77 -2.03 -23.88 -10.95
N ALA C 78 -1.84 -25.05 -10.33
CA ALA C 78 -1.45 -25.10 -8.94
C ALA C 78 0.07 -24.98 -8.81
N LEU C 79 0.48 -24.30 -7.75
CA LEU C 79 1.88 -24.21 -7.35
C LEU C 79 2.15 -25.28 -6.30
N TYR C 80 2.93 -26.29 -6.66
CA TYR C 80 3.21 -27.39 -5.74
C TYR C 80 4.34 -26.99 -4.79
N ASP C 81 5.37 -26.36 -5.36
CA ASP C 81 6.51 -25.93 -4.58
C ASP C 81 7.26 -24.89 -5.39
N PHE C 82 8.28 -24.31 -4.77
CA PHE C 82 9.10 -23.30 -5.41
C PHE C 82 10.40 -23.20 -4.64
N GLN C 83 11.37 -22.56 -5.26
CA GLN C 83 12.63 -22.35 -4.60
C GLN C 83 13.22 -21.02 -5.05
N GLU C 84 13.32 -20.12 -4.09
CA GLU C 84 13.83 -18.79 -4.37
C GLU C 84 15.09 -18.54 -3.55
N MET C 85 16.14 -18.09 -4.25
CA MET C 85 17.43 -17.79 -3.67
C MET C 85 17.91 -16.48 -4.28
N ALA C 86 19.07 -16.01 -3.85
CA ALA C 86 19.57 -14.74 -4.30
C ALA C 86 19.78 -14.79 -5.81
N ASN C 87 20.24 -15.93 -6.34
CA ASN C 87 20.67 -15.96 -7.73
C ASN C 87 19.91 -16.96 -8.58
N SER C 88 18.87 -17.58 -8.04
CA SER C 88 18.10 -18.54 -8.81
C SER C 88 16.66 -18.55 -8.29
N VAL C 89 15.71 -18.90 -9.17
CA VAL C 89 14.32 -19.11 -8.79
C VAL C 89 13.73 -20.23 -9.65
N TYR C 90 12.91 -21.08 -9.02
CA TYR C 90 12.18 -22.14 -9.69
C TYR C 90 10.75 -22.16 -9.16
N LEU C 91 9.80 -22.41 -10.05
CA LEU C 91 8.45 -22.74 -9.61
C LEU C 91 8.13 -24.13 -10.09
N VAL C 92 7.56 -24.95 -9.20
CA VAL C 92 7.11 -26.28 -9.55
C VAL C 92 5.61 -26.27 -9.60
N MET C 93 5.06 -26.46 -10.82
CA MET C 93 3.63 -26.35 -11.00
C MET C 93 2.99 -27.58 -11.62
N GLU C 94 1.67 -27.64 -11.44
CA GLU C 94 0.76 -28.55 -12.13
C GLU C 94 1.13 -28.60 -13.61
N TYR C 95 1.27 -29.83 -14.12
CA TYR C 95 1.41 -30.08 -15.55
C TYR C 95 0.03 -30.24 -16.18
N CYS C 96 -0.21 -29.50 -17.27
CA CYS C 96 -1.47 -29.59 -17.98
C CYS C 96 -1.23 -30.40 -19.26
N ASN C 97 -1.81 -31.60 -19.31
CA ASN C 97 -1.42 -32.57 -20.32
C ASN C 97 -2.05 -32.26 -21.67
N GLY C 98 -2.97 -31.27 -21.75
CA GLY C 98 -3.65 -30.93 -22.99
C GLY C 98 -2.97 -29.83 -23.81
N GLY C 99 -1.85 -29.29 -23.33
CA GLY C 99 -1.27 -28.10 -23.93
C GLY C 99 -2.11 -26.83 -23.68
N ASP C 100 -1.95 -25.83 -24.56
CA ASP C 100 -2.60 -24.55 -24.41
C ASP C 100 -3.78 -24.41 -25.38
N LEU C 101 -4.59 -23.38 -25.12
CA LEU C 101 -5.76 -23.12 -25.92
C LEU C 101 -5.34 -22.65 -27.32
N ALA C 102 -4.20 -21.96 -27.42
CA ALA C 102 -3.75 -21.50 -28.73
C ALA C 102 -3.57 -22.69 -29.70
N ASP C 103 -2.92 -23.77 -29.22
CA ASP C 103 -2.66 -24.94 -30.05
C ASP C 103 -3.98 -25.63 -30.39
N TYR C 104 -4.88 -25.74 -29.40
CA TYR C 104 -6.16 -26.38 -29.60
C TYR C 104 -6.96 -25.64 -30.67
N LEU C 105 -6.89 -24.30 -30.68
CA LEU C 105 -7.58 -23.47 -31.65
C LEU C 105 -6.93 -23.61 -33.03
N HIS C 106 -5.60 -23.71 -33.08
CA HIS C 106 -4.90 -23.95 -34.34
CA HIS C 106 -4.95 -23.91 -34.37
C HIS C 106 -5.45 -25.23 -34.99
N ALA C 107 -5.74 -26.25 -34.17
CA ALA C 107 -6.17 -27.54 -34.71
C ALA C 107 -7.65 -27.50 -35.05
N MET C 108 -8.49 -26.95 -34.18
CA MET C 108 -9.93 -26.98 -34.38
C MET C 108 -10.39 -25.85 -35.30
N ARG C 109 -9.62 -24.76 -35.42
CA ARG C 109 -9.94 -23.58 -36.23
C ARG C 109 -10.96 -22.69 -35.51
N THR C 110 -12.06 -23.29 -35.09
CA THR C 110 -13.20 -22.63 -34.49
C THR C 110 -13.72 -23.60 -33.44
N LEU C 111 -14.32 -23.09 -32.36
CA LEU C 111 -14.97 -23.93 -31.38
C LEU C 111 -16.47 -23.71 -31.45
N SER C 112 -17.24 -24.75 -31.10
CA SER C 112 -18.68 -24.61 -30.99
C SER C 112 -19.02 -23.72 -29.81
N GLU C 113 -20.24 -23.16 -29.83
CA GLU C 113 -20.73 -22.39 -28.71
C GLU C 113 -20.72 -23.23 -27.45
N ASP C 114 -21.03 -24.53 -27.56
CA ASP C 114 -21.11 -25.41 -26.40
C ASP C 114 -19.74 -25.56 -25.75
N THR C 115 -18.69 -25.71 -26.55
CA THR C 115 -17.34 -25.81 -26.03
C THR C 115 -16.92 -24.48 -25.42
N ILE C 116 -17.21 -23.37 -26.12
CA ILE C 116 -16.92 -22.03 -25.62
C ILE C 116 -17.57 -21.85 -24.25
N ARG C 117 -18.84 -22.25 -24.14
CA ARG C 117 -19.54 -22.09 -22.89
C ARG C 117 -18.82 -22.88 -21.78
N LEU C 118 -18.46 -24.13 -22.08
CA LEU C 118 -17.80 -25.00 -21.11
C LEU C 118 -16.50 -24.34 -20.64
N PHE C 119 -15.71 -23.85 -21.58
CA PHE C 119 -14.43 -23.24 -21.26
C PHE C 119 -14.63 -21.96 -20.44
N LEU C 120 -15.63 -21.17 -20.82
CA LEU C 120 -15.81 -19.86 -20.23
C LEU C 120 -16.41 -19.98 -18.84
N GLN C 121 -17.26 -20.99 -18.60
CA GLN C 121 -17.72 -21.24 -17.23
C GLN C 121 -16.54 -21.45 -16.31
N GLN C 122 -15.51 -22.17 -16.78
CA GLN C 122 -14.37 -22.49 -15.96
C GLN C 122 -13.48 -21.26 -15.76
N ILE C 123 -13.22 -20.52 -16.85
CA ILE C 123 -12.48 -19.27 -16.74
C ILE C 123 -13.17 -18.35 -15.75
N ALA C 124 -14.51 -18.28 -15.84
CA ALA C 124 -15.29 -17.43 -14.97
C ALA C 124 -15.11 -17.83 -13.50
N GLY C 125 -15.05 -19.15 -13.24
CA GLY C 125 -14.83 -19.65 -11.90
C GLY C 125 -13.50 -19.15 -11.32
N ALA C 126 -12.45 -19.22 -12.12
CA ALA C 126 -11.15 -18.70 -11.72
C ALA C 126 -11.21 -17.19 -11.48
N MET C 127 -11.84 -16.44 -12.40
CA MET C 127 -11.90 -15.01 -12.28
C MET C 127 -12.67 -14.59 -11.03
N ARG C 128 -13.62 -15.41 -10.61
CA ARG C 128 -14.37 -15.10 -9.41
C ARG C 128 -13.43 -15.09 -8.20
N LEU C 129 -12.46 -16.01 -8.17
CA LEU C 129 -11.51 -16.03 -7.08
C LEU C 129 -10.55 -14.85 -7.18
N LEU C 130 -9.97 -14.61 -8.37
CA LEU C 130 -9.11 -13.48 -8.57
C LEU C 130 -9.79 -12.19 -8.12
N HIS C 131 -11.04 -12.00 -8.57
CA HIS C 131 -11.77 -10.79 -8.26
C HIS C 131 -12.01 -10.67 -6.74
N SER C 132 -12.38 -11.79 -6.09
CA SER C 132 -12.63 -11.74 -4.66
C SER C 132 -11.33 -11.51 -3.88
N LYS C 133 -10.16 -11.93 -4.40
CA LYS C 133 -8.89 -11.68 -3.75
C LYS C 133 -8.33 -10.29 -4.10
N GLY C 134 -8.92 -9.60 -5.08
CA GLY C 134 -8.43 -8.30 -5.49
C GLY C 134 -7.18 -8.40 -6.38
N ILE C 135 -7.06 -9.49 -7.16
CA ILE C 135 -5.93 -9.75 -8.05
C ILE C 135 -6.35 -9.60 -9.51
N ILE C 136 -5.56 -8.87 -10.29
CA ILE C 136 -5.75 -8.78 -11.72
C ILE C 136 -4.60 -9.50 -12.40
N HIS C 137 -4.89 -10.17 -13.53
CA HIS C 137 -3.95 -11.08 -14.18
C HIS C 137 -3.04 -10.33 -15.13
N ARG C 138 -3.66 -9.61 -16.11
CA ARG C 138 -3.02 -8.68 -17.03
C ARG C 138 -2.26 -9.37 -18.18
N ASP C 139 -2.33 -10.69 -18.29
CA ASP C 139 -1.78 -11.29 -19.50
C ASP C 139 -2.64 -12.46 -19.97
N LEU C 140 -3.98 -12.27 -19.97
CA LEU C 140 -4.84 -13.34 -20.41
C LEU C 140 -4.84 -13.37 -21.93
N LYS C 141 -4.57 -14.58 -22.44
CA LYS C 141 -4.49 -14.88 -23.85
C LYS C 141 -4.44 -16.40 -24.02
N PRO C 142 -4.74 -16.95 -25.23
CA PRO C 142 -4.88 -18.38 -25.40
C PRO C 142 -3.63 -19.18 -25.00
N GLN C 143 -2.46 -18.59 -25.14
CA GLN C 143 -1.21 -19.22 -24.76
C GLN C 143 -1.15 -19.49 -23.26
N ASN C 144 -1.99 -18.77 -22.47
CA ASN C 144 -1.94 -18.85 -21.02
C ASN C 144 -3.21 -19.47 -20.46
N ILE C 145 -4.05 -20.00 -21.34
CA ILE C 145 -5.14 -20.87 -20.93
C ILE C 145 -4.70 -22.30 -21.24
N LEU C 146 -4.60 -23.16 -20.25
CA LEU C 146 -4.10 -24.51 -20.48
C LEU C 146 -5.21 -25.53 -20.30
N LEU C 147 -5.06 -26.65 -21.01
CA LEU C 147 -6.05 -27.72 -21.08
C LEU C 147 -5.53 -28.95 -20.34
N SER C 148 -6.44 -29.60 -19.61
CA SER C 148 -6.17 -30.85 -18.90
C SER C 148 -7.26 -31.88 -19.19
N ASN C 149 -6.82 -33.04 -19.68
CA ASN C 149 -7.69 -34.13 -20.07
C ASN C 149 -7.59 -35.22 -19.02
N PRO C 150 -8.63 -35.51 -18.23
CA PRO C 150 -8.58 -36.67 -17.32
C PRO C 150 -8.34 -37.99 -18.06
N ALA C 155 -10.41 -38.15 -24.56
CA ALA C 155 -11.87 -37.98 -24.29
C ALA C 155 -12.34 -36.64 -24.87
N ASN C 156 -13.60 -36.28 -24.62
CA ASN C 156 -14.31 -35.28 -25.40
C ASN C 156 -14.07 -33.86 -24.88
N PRO C 157 -14.56 -32.83 -25.60
CA PRO C 157 -14.60 -31.46 -25.08
C PRO C 157 -15.35 -31.22 -23.77
N ASN C 158 -16.28 -32.10 -23.39
CA ASN C 158 -17.08 -31.90 -22.17
C ASN C 158 -16.31 -32.28 -20.91
N SER C 159 -15.20 -33.02 -21.07
CA SER C 159 -14.38 -33.49 -19.97
CA SER C 159 -14.37 -33.50 -19.97
C SER C 159 -13.13 -32.62 -19.80
N ILE C 160 -12.77 -31.80 -20.81
CA ILE C 160 -11.62 -30.92 -20.73
C ILE C 160 -11.74 -29.94 -19.55
N ARG C 161 -10.65 -29.82 -18.79
CA ARG C 161 -10.54 -28.82 -17.74
C ARG C 161 -9.60 -27.72 -18.20
N VAL C 162 -10.03 -26.45 -18.04
CA VAL C 162 -9.19 -25.32 -18.42
C VAL C 162 -8.66 -24.68 -17.15
N LYS C 163 -7.39 -24.23 -17.27
CA LYS C 163 -6.66 -23.63 -16.16
C LYS C 163 -5.92 -22.39 -16.63
N ILE C 164 -6.07 -21.29 -15.87
CA ILE C 164 -5.34 -20.08 -16.15
C ILE C 164 -3.92 -20.21 -15.60
N ALA C 165 -2.96 -19.81 -16.44
CA ALA C 165 -1.56 -19.88 -16.09
C ALA C 165 -0.92 -18.51 -16.24
N ASP C 166 0.34 -18.44 -15.79
CA ASP C 166 1.27 -17.35 -16.03
C ASP C 166 0.82 -16.06 -15.31
N PHE C 167 1.11 -16.00 -14.01
CA PHE C 167 0.76 -14.89 -13.14
C PHE C 167 1.93 -13.94 -12.92
N GLY C 168 2.89 -13.95 -13.86
CA GLY C 168 4.08 -13.12 -13.76
C GLY C 168 3.83 -11.61 -13.81
N PHE C 169 2.76 -11.17 -14.45
CA PHE C 169 2.42 -9.76 -14.53
C PHE C 169 1.26 -9.43 -13.60
N ALA C 170 0.79 -10.40 -12.82
CA ALA C 170 -0.37 -10.18 -11.96
C ALA C 170 -0.02 -9.26 -10.79
N ARG C 171 -1.03 -8.57 -10.23
CA ARG C 171 -0.86 -7.70 -9.10
C ARG C 171 -2.16 -7.58 -8.31
N TYR C 172 -2.02 -7.27 -7.01
CA TYR C 172 -3.10 -6.78 -6.18
C TYR C 172 -3.45 -5.37 -6.64
N LEU C 173 -4.75 -5.11 -6.75
CA LEU C 173 -5.24 -3.76 -6.97
C LEU C 173 -6.38 -3.50 -5.99
N GLN C 174 -6.17 -2.53 -5.13
CA GLN C 174 -7.19 -2.14 -4.18
C GLN C 174 -8.40 -1.61 -4.95
N SER C 175 -9.60 -1.88 -4.44
CA SER C 175 -10.84 -1.71 -5.19
C SER C 175 -11.10 -0.23 -5.54
N ASN C 176 -10.51 0.71 -4.81
CA ASN C 176 -10.70 2.12 -5.11
C ASN C 176 -9.49 2.72 -5.83
N MET C 177 -8.56 1.90 -6.33
CA MET C 177 -7.36 2.39 -7.01
CA MET C 177 -7.37 2.40 -7.01
C MET C 177 -7.34 1.90 -8.46
N MET C 178 -6.41 2.42 -9.27
CA MET C 178 -6.25 2.05 -10.66
CA MET C 178 -6.24 2.04 -10.66
C MET C 178 -4.78 1.69 -10.91
N ALA C 179 -4.54 0.75 -11.83
CA ALA C 179 -3.20 0.40 -12.28
C ALA C 179 -2.82 1.24 -13.50
N ALA C 180 -1.51 1.34 -13.76
CA ALA C 180 -1.04 2.07 -14.94
C ALA C 180 0.16 1.40 -15.63
N LEU C 182 2.20 -0.52 -18.18
CA LEU C 182 2.01 -1.03 -19.52
C LEU C 182 2.54 -2.45 -19.59
N CYS C 183 1.68 -3.46 -19.60
CA CYS C 183 2.12 -4.82 -19.80
C CYS C 183 1.01 -5.61 -20.48
N GLY C 184 1.39 -6.76 -21.01
CA GLY C 184 0.47 -7.72 -21.61
C GLY C 184 0.76 -7.85 -23.10
N SER C 185 -0.16 -8.49 -23.84
CA SER C 185 0.01 -8.76 -25.24
C SER C 185 -0.98 -7.89 -26.02
N PRO C 186 -0.46 -6.97 -26.87
CA PRO C 186 -1.30 -5.94 -27.49
C PRO C 186 -2.62 -6.39 -28.12
N MET C 187 -2.64 -7.56 -28.73
CA MET C 187 -3.83 -8.07 -29.37
C MET C 187 -4.91 -8.37 -28.31
N TYR C 188 -4.51 -8.56 -27.04
CA TYR C 188 -5.47 -8.91 -26.01
C TYR C 188 -5.65 -7.78 -24.99
N MET C 189 -4.93 -6.67 -25.17
CA MET C 189 -4.94 -5.58 -24.21
C MET C 189 -6.23 -4.79 -24.35
N ALA C 190 -6.82 -4.41 -23.22
CA ALA C 190 -7.95 -3.48 -23.25
C ALA C 190 -7.47 -2.16 -23.85
N PRO C 191 -8.35 -1.42 -24.54
CA PRO C 191 -7.98 -0.11 -25.07
C PRO C 191 -7.32 0.81 -24.04
N GLU C 192 -7.89 0.86 -22.84
CA GLU C 192 -7.35 1.76 -21.83
C GLU C 192 -5.91 1.38 -21.54
N VAL C 193 -5.57 0.08 -21.61
CA VAL C 193 -4.21 -0.32 -21.31
C VAL C 193 -3.25 0.12 -22.42
N ILE C 194 -3.61 -0.15 -23.68
CA ILE C 194 -2.70 0.13 -24.78
C ILE C 194 -2.63 1.63 -25.06
N MET C 195 -3.67 2.40 -24.71
CA MET C 195 -3.57 3.86 -24.80
C MET C 195 -2.87 4.47 -23.57
N SER C 196 -2.19 3.65 -22.72
CA SER C 196 -1.40 4.17 -21.60
C SER C 196 -2.26 4.93 -20.59
N GLN C 197 -3.51 4.55 -20.42
CA GLN C 197 -4.34 5.16 -19.41
C GLN C 197 -4.37 4.28 -18.17
N HIS C 198 -5.05 4.79 -17.15
CA HIS C 198 -5.32 4.03 -15.94
C HIS C 198 -6.30 2.92 -16.27
N TYR C 199 -6.20 1.80 -15.56
CA TYR C 199 -7.13 0.71 -15.78
C TYR C 199 -7.38 -0.04 -14.48
N ASP C 200 -8.34 -0.97 -14.53
CA ASP C 200 -8.76 -1.73 -13.37
C ASP C 200 -8.97 -3.18 -13.78
N GLY C 201 -9.72 -3.91 -12.94
CA GLY C 201 -9.99 -5.33 -13.09
C GLY C 201 -10.76 -5.66 -14.37
N LYS C 202 -11.44 -4.66 -14.92
CA LYS C 202 -12.24 -4.87 -16.12
C LYS C 202 -11.35 -4.97 -17.36
N ALA C 203 -10.08 -4.58 -17.27
CA ALA C 203 -9.18 -4.81 -18.39
C ALA C 203 -9.10 -6.30 -18.69
N ASP C 204 -9.08 -7.16 -17.67
CA ASP C 204 -9.00 -8.59 -17.92
C ASP C 204 -10.28 -9.05 -18.65
N LEU C 205 -11.42 -8.38 -18.38
CA LEU C 205 -12.66 -8.84 -18.99
C LEU C 205 -12.64 -8.61 -20.49
N TRP C 206 -12.03 -7.50 -20.94
CA TRP C 206 -11.79 -7.27 -22.35
C TRP C 206 -10.96 -8.41 -22.95
N SER C 207 -9.86 -8.77 -22.29
CA SER C 207 -9.01 -9.84 -22.77
C SER C 207 -9.83 -11.12 -22.91
N ILE C 208 -10.68 -11.41 -21.92
CA ILE C 208 -11.51 -12.58 -21.96
C ILE C 208 -12.48 -12.51 -23.14
N GLY C 209 -13.09 -11.34 -23.33
CA GLY C 209 -13.96 -11.12 -24.47
C GLY C 209 -13.23 -11.37 -25.77
N THR C 210 -11.97 -10.94 -25.88
CA THR C 210 -11.19 -11.17 -27.07
CA THR C 210 -11.25 -11.17 -27.12
C THR C 210 -10.91 -12.65 -27.26
N ILE C 211 -10.64 -13.36 -26.16
CA ILE C 211 -10.37 -14.80 -26.27
C ILE C 211 -11.62 -15.53 -26.77
N VAL C 212 -12.78 -15.15 -26.24
CA VAL C 212 -14.04 -15.77 -26.59
C VAL C 212 -14.35 -15.52 -28.08
N TYR C 213 -14.12 -14.29 -28.53
CA TYR C 213 -14.36 -13.95 -29.92
C TYR C 213 -13.45 -14.78 -30.83
N GLN C 214 -12.19 -14.94 -30.44
CA GLN C 214 -11.22 -15.68 -31.23
C GLN C 214 -11.62 -17.15 -31.31
N CYS C 215 -12.12 -17.72 -30.21
CA CYS C 215 -12.62 -19.08 -30.21
C CYS C 215 -13.76 -19.22 -31.23
N LEU C 216 -14.66 -18.23 -31.28
CA LEU C 216 -15.87 -18.29 -32.09
C LEU C 216 -15.54 -18.17 -33.57
N THR C 217 -14.64 -17.25 -33.93
CA THR C 217 -14.44 -16.83 -35.30
C THR C 217 -13.06 -17.19 -35.85
N GLY C 218 -12.13 -17.57 -34.98
CA GLY C 218 -10.76 -17.83 -35.40
C GLY C 218 -9.92 -16.57 -35.62
N LYS C 219 -10.45 -15.38 -35.30
CA LYS C 219 -9.64 -14.16 -35.43
C LYS C 219 -9.86 -13.19 -34.28
N ALA C 220 -9.00 -12.18 -34.22
CA ALA C 220 -9.11 -11.06 -33.29
C ALA C 220 -10.26 -10.18 -33.73
N PRO C 221 -11.02 -9.57 -32.80
CA PRO C 221 -12.09 -8.66 -33.19
C PRO C 221 -11.60 -7.37 -33.82
N PHE C 222 -10.38 -6.96 -33.49
CA PHE C 222 -9.83 -5.72 -34.01
C PHE C 222 -8.37 -5.96 -34.40
N GLN C 223 -8.14 -6.19 -35.69
CA GLN C 223 -6.84 -6.54 -36.22
C GLN C 223 -6.19 -5.28 -36.76
N ALA C 224 -4.87 -5.20 -36.62
CA ALA C 224 -4.10 -4.13 -37.19
C ALA C 224 -2.72 -4.67 -37.53
N SER C 225 -1.96 -3.87 -38.28
CA SER C 225 -0.67 -4.32 -38.80
CA SER C 225 -0.67 -4.30 -38.80
C SER C 225 0.37 -4.30 -37.69
N SER C 226 0.15 -3.47 -36.66
CA SER C 226 1.10 -3.30 -35.57
C SER C 226 0.39 -2.88 -34.29
N PRO C 227 1.03 -3.07 -33.11
CA PRO C 227 0.56 -2.48 -31.85
C PRO C 227 0.20 -0.99 -31.96
N GLN C 228 1.07 -0.19 -32.59
CA GLN C 228 0.85 1.25 -32.74
C GLN C 228 -0.41 1.53 -33.56
N ASP C 229 -0.63 0.75 -34.62
CA ASP C 229 -1.79 0.90 -35.47
C ASP C 229 -3.05 0.58 -34.69
N LEU C 230 -3.00 -0.49 -33.90
CA LEU C 230 -4.12 -0.90 -33.07
C LEU C 230 -4.45 0.22 -32.08
N ARG C 231 -3.41 0.78 -31.45
CA ARG C 231 -3.60 1.88 -30.52
C ARG C 231 -4.29 3.06 -31.21
N LEU C 232 -3.79 3.45 -32.39
CA LEU C 232 -4.36 4.59 -33.12
C LEU C 232 -5.81 4.28 -33.53
N PHE C 233 -6.06 3.02 -33.90
CA PHE C 233 -7.42 2.59 -34.20
C PHE C 233 -8.34 2.86 -32.98
N TYR C 234 -7.92 2.45 -31.78
CA TYR C 234 -8.77 2.62 -30.60
C TYR C 234 -8.95 4.10 -30.29
N GLU C 235 -7.88 4.87 -30.45
CA GLU C 235 -7.93 6.32 -30.23
C GLU C 235 -8.99 7.00 -31.09
N LYS C 236 -9.03 6.67 -32.39
CA LYS C 236 -9.89 7.34 -33.37
C LYS C 236 -11.35 6.88 -33.29
N ASN C 237 -11.61 5.70 -32.71
CA ASN C 237 -12.96 5.18 -32.70
C ASN C 237 -13.56 5.17 -31.29
N LYS C 238 -14.31 6.21 -30.95
CA LYS C 238 -14.92 6.34 -29.63
C LYS C 238 -16.12 5.43 -29.52
N THR C 239 -16.86 5.26 -30.62
CA THR C 239 -17.87 4.20 -30.72
C THR C 239 -17.18 3.05 -31.47
N LEU C 240 -17.07 1.91 -30.81
CA LEU C 240 -16.38 0.76 -31.35
C LEU C 240 -17.31 -0.43 -31.21
N VAL C 241 -17.61 -1.13 -32.32
CA VAL C 241 -18.47 -2.28 -32.24
C VAL C 241 -17.78 -3.44 -32.94
N PRO C 242 -17.63 -4.61 -32.29
CA PRO C 242 -17.06 -5.78 -32.95
C PRO C 242 -18.04 -6.37 -33.96
N THR C 243 -17.48 -6.93 -35.02
CA THR C 243 -18.23 -7.67 -36.00
C THR C 243 -18.52 -9.06 -35.45
N ILE C 244 -19.80 -9.36 -35.20
CA ILE C 244 -20.17 -10.66 -34.68
C ILE C 244 -20.92 -11.45 -35.77
N PRO C 245 -20.52 -12.71 -36.09
CA PRO C 245 -21.19 -13.50 -37.11
C PRO C 245 -22.70 -13.61 -36.88
N ALA C 246 -23.43 -13.57 -38.00
CA ALA C 246 -24.88 -13.58 -38.01
C ALA C 246 -25.44 -14.77 -37.25
N ALA C 247 -24.77 -15.92 -37.39
CA ALA C 247 -25.27 -17.16 -36.82
C ALA C 247 -25.15 -17.20 -35.29
N THR C 248 -24.40 -16.27 -34.69
CA THR C 248 -24.13 -16.32 -33.27
C THR C 248 -25.45 -16.30 -32.50
N SER C 249 -25.56 -17.12 -31.46
CA SER C 249 -26.73 -17.09 -30.60
C SER C 249 -26.86 -15.73 -29.93
N ALA C 250 -28.08 -15.41 -29.50
CA ALA C 250 -28.39 -14.10 -28.96
C ALA C 250 -27.63 -13.86 -27.66
N PRO C 251 -27.59 -14.81 -26.70
CA PRO C 251 -26.83 -14.61 -25.45
C PRO C 251 -25.33 -14.44 -25.71
N LEU C 252 -24.74 -15.19 -26.65
CA LEU C 252 -23.32 -15.03 -26.89
C LEU C 252 -23.04 -13.67 -27.55
N ARG C 253 -23.91 -13.23 -28.46
CA ARG C 253 -23.79 -11.92 -29.05
C ARG C 253 -23.87 -10.84 -27.96
N GLN C 254 -24.85 -10.92 -27.06
CA GLN C 254 -25.01 -9.95 -25.99
CA GLN C 254 -24.98 -9.93 -26.00
C GLN C 254 -23.72 -9.89 -25.15
N LEU C 255 -23.16 -11.07 -24.81
CA LEU C 255 -21.98 -11.16 -23.97
C LEU C 255 -20.79 -10.51 -24.66
N LEU C 256 -20.60 -10.82 -25.93
CA LEU C 256 -19.48 -10.26 -26.66
C LEU C 256 -19.58 -8.75 -26.81
N LEU C 257 -20.79 -8.21 -27.07
CA LEU C 257 -20.96 -6.77 -27.21
C LEU C 257 -20.66 -6.06 -25.88
N ALA C 258 -21.08 -6.68 -24.77
CA ALA C 258 -20.91 -6.08 -23.45
C ALA C 258 -19.46 -6.15 -22.94
N LEU C 259 -18.72 -7.25 -23.25
CA LEU C 259 -17.30 -7.36 -22.92
C LEU C 259 -16.45 -6.45 -23.79
N LEU C 260 -16.73 -6.41 -25.09
CA LEU C 260 -15.85 -5.66 -25.98
C LEU C 260 -16.35 -4.22 -26.14
N GLN C 261 -16.54 -3.55 -25.00
CA GLN C 261 -16.78 -2.12 -24.93
C GLN C 261 -15.45 -1.43 -24.67
N ARG C 262 -15.17 -0.46 -25.53
CA ARG C 262 -13.93 0.28 -25.53
C ARG C 262 -13.71 1.03 -24.20
N ASN C 263 -14.79 1.59 -23.65
CA ASN C 263 -14.73 2.42 -22.47
C ASN C 263 -14.99 1.57 -21.23
N HIS C 264 -14.00 1.54 -20.34
CA HIS C 264 -14.04 0.60 -19.23
C HIS C 264 -15.22 0.91 -18.32
N LYS C 265 -15.61 2.18 -18.18
CA LYS C 265 -16.77 2.50 -17.34
C LYS C 265 -18.03 1.82 -17.86
N ASP C 266 -18.17 1.71 -19.18
CA ASP C 266 -19.37 1.12 -19.77
C ASP C 266 -19.30 -0.40 -19.80
N ARG C 267 -18.09 -0.98 -19.77
CA ARG C 267 -17.90 -2.40 -20.00
C ARG C 267 -18.60 -3.24 -18.94
N MET C 268 -19.05 -4.42 -19.34
CA MET C 268 -19.57 -5.40 -18.41
C MET C 268 -18.68 -5.47 -17.16
N ASP C 269 -19.32 -5.55 -15.99
CA ASP C 269 -18.59 -5.71 -14.73
C ASP C 269 -18.64 -7.19 -14.30
N PHE C 270 -17.96 -7.50 -13.20
CA PHE C 270 -17.71 -8.87 -12.84
C PHE C 270 -19.00 -9.60 -12.53
N ASP C 271 -19.87 -8.93 -11.80
CA ASP C 271 -21.11 -9.56 -11.37
C ASP C 271 -21.98 -9.91 -12.59
N GLU C 272 -22.05 -8.99 -13.56
CA GLU C 272 -22.79 -9.24 -14.77
C GLU C 272 -22.18 -10.44 -15.49
N PHE C 273 -20.85 -10.51 -15.52
CA PHE C 273 -20.16 -11.55 -16.27
C PHE C 273 -20.44 -12.91 -15.65
N PHE C 274 -20.32 -12.97 -14.31
CA PHE C 274 -20.44 -14.25 -13.61
C PHE C 274 -21.85 -14.81 -13.74
N HIS C 275 -22.86 -13.93 -13.83
CA HIS C 275 -24.25 -14.35 -13.88
C HIS C 275 -24.83 -14.26 -15.30
N HIS C 276 -23.98 -14.08 -16.32
CA HIS C 276 -24.51 -13.85 -17.65
C HIS C 276 -25.27 -15.09 -18.16
N PRO C 277 -26.45 -14.90 -18.82
CA PRO C 277 -27.23 -16.05 -19.32
C PRO C 277 -26.48 -17.02 -20.24
N PHE C 278 -25.50 -16.53 -21.01
CA PHE C 278 -24.73 -17.42 -21.84
C PHE C 278 -24.08 -18.55 -21.03
N LEU C 279 -23.74 -18.29 -19.75
CA LEU C 279 -23.07 -19.30 -18.93
C LEU C 279 -24.04 -20.28 -18.26
N ASP C 280 -25.37 -20.12 -18.38
CA ASP C 280 -26.29 -20.98 -17.65
C ASP C 280 -26.21 -22.45 -18.11
N THR D 9 -29.35 27.39 12.23
CA THR D 9 -28.07 28.04 12.65
C THR D 9 -26.96 27.70 11.63
N GLU D 10 -26.23 26.56 11.73
CA GLU D 10 -25.02 26.38 10.93
C GLU D 10 -25.33 25.73 9.58
N THR D 11 -24.49 25.98 8.57
CA THR D 11 -24.76 25.49 7.23
C THR D 11 -23.53 24.76 6.72
N VAL D 12 -23.75 23.82 5.78
CA VAL D 12 -22.67 23.09 5.15
C VAL D 12 -23.15 22.79 3.74
N GLY D 13 -22.56 23.43 2.72
CA GLY D 13 -23.03 23.21 1.36
C GLY D 13 -24.52 23.54 1.31
N LYS D 14 -25.30 22.67 0.66
CA LYS D 14 -26.74 22.90 0.55
C LYS D 14 -27.53 22.42 1.77
N PHE D 15 -26.91 22.33 2.95
CA PHE D 15 -27.53 21.66 4.10
C PHE D 15 -27.38 22.53 5.34
N GLU D 16 -28.23 22.28 6.35
CA GLU D 16 -28.15 23.01 7.60
C GLU D 16 -28.58 22.16 8.79
N PHE D 17 -28.16 22.60 9.96
CA PHE D 17 -28.48 21.93 11.20
C PHE D 17 -28.28 22.89 12.37
N SER D 18 -28.81 22.50 13.53
CA SER D 18 -28.57 23.20 14.77
C SER D 18 -27.93 22.25 15.77
N ARG D 19 -26.95 22.76 16.54
CA ARG D 19 -26.27 21.94 17.54
C ARG D 19 -27.20 21.56 18.69
N LYS D 20 -28.47 21.95 18.64
CA LYS D 20 -29.43 21.55 19.66
C LYS D 20 -30.03 20.19 19.33
N ASP D 21 -29.86 19.73 18.07
CA ASP D 21 -30.47 18.49 17.62
C ASP D 21 -29.44 17.35 17.61
N LEU D 22 -28.84 17.09 18.76
CA LEU D 22 -27.87 16.03 18.95
C LEU D 22 -28.58 14.69 18.82
N ILE D 23 -28.03 13.79 18.00
CA ILE D 23 -28.59 12.46 17.86
C ILE D 23 -27.53 11.40 18.14
N GLY D 24 -26.24 11.79 18.23
CA GLY D 24 -25.21 10.78 18.50
C GLY D 24 -23.91 11.41 18.93
N HIS D 25 -23.10 10.67 19.71
CA HIS D 25 -21.84 11.19 20.22
C HIS D 25 -20.93 10.03 20.62
N GLY D 26 -19.67 10.20 20.29
CA GLY D 26 -18.60 9.36 20.80
C GLY D 26 -17.37 10.21 20.99
N ALA D 27 -16.26 9.54 21.30
CA ALA D 27 -15.03 10.22 21.64
C ALA D 27 -14.52 11.03 20.45
N PHE D 28 -14.85 10.61 19.22
CA PHE D 28 -14.23 11.21 18.05
C PHE D 28 -15.23 11.85 17.11
N ALA D 29 -16.50 12.00 17.52
CA ALA D 29 -17.46 12.65 16.68
C ALA D 29 -18.73 12.98 17.44
N VAL D 30 -19.45 13.97 16.90
CA VAL D 30 -20.81 14.27 17.31
C VAL D 30 -21.66 14.30 16.04
N VAL D 31 -22.92 13.87 16.16
CA VAL D 31 -23.83 13.88 15.04
C VAL D 31 -25.07 14.69 15.38
N PHE D 32 -25.52 15.53 14.45
CA PHE D 32 -26.72 16.33 14.62
C PHE D 32 -27.70 16.05 13.50
N LYS D 33 -28.99 16.07 13.81
CA LYS D 33 -30.00 16.00 12.77
C LYS D 33 -30.06 17.35 12.06
N GLY D 34 -30.36 17.31 10.76
CA GLY D 34 -30.45 18.52 9.97
C GLY D 34 -31.31 18.27 8.73
N ARG D 35 -31.18 19.15 7.73
CA ARG D 35 -31.99 19.07 6.54
C ARG D 35 -31.33 19.81 5.38
N HIS D 36 -31.82 19.53 4.16
CA HIS D 36 -31.51 20.31 2.98
C HIS D 36 -32.12 21.70 3.16
N ARG D 37 -31.41 22.74 2.71
CA ARG D 37 -31.83 24.12 2.92
C ARG D 37 -33.00 24.49 2.00
N GLU D 38 -33.08 23.84 0.83
CA GLU D 38 -34.15 24.03 -0.12
C GLU D 38 -35.29 23.05 0.17
N LYS D 39 -35.00 21.75 0.20
CA LYS D 39 -36.03 20.73 0.43
C LYS D 39 -36.05 20.36 1.92
N HIS D 40 -36.87 21.07 2.69
CA HIS D 40 -36.87 20.92 4.14
C HIS D 40 -37.24 19.49 4.56
N ASP D 41 -37.91 18.74 3.66
CA ASP D 41 -38.33 17.37 3.92
C ASP D 41 -37.19 16.36 3.78
N LEU D 42 -36.06 16.72 3.15
CA LEU D 42 -34.91 15.83 3.10
C LEU D 42 -34.12 15.97 4.40
N GLU D 43 -34.21 14.96 5.24
CA GLU D 43 -33.56 14.98 6.55
C GLU D 43 -32.14 14.46 6.37
N VAL D 44 -31.22 14.94 7.20
CA VAL D 44 -29.84 14.48 7.10
C VAL D 44 -29.28 14.36 8.49
N ALA D 45 -28.17 13.63 8.59
CA ALA D 45 -27.37 13.58 9.81
C ALA D 45 -25.99 14.17 9.50
N VAL D 46 -25.58 15.15 10.30
CA VAL D 46 -24.37 15.90 10.04
C VAL D 46 -23.38 15.51 11.10
N LYS D 47 -22.30 14.85 10.68
CA LYS D 47 -21.27 14.42 11.60
C LYS D 47 -20.13 15.43 11.63
N CYS D 48 -19.75 15.79 12.85
CA CYS D 48 -18.79 16.84 13.13
C CYS D 48 -17.71 16.34 14.07
N ILE D 49 -16.63 17.10 14.08
CA ILE D 49 -15.56 16.96 15.03
C ILE D 49 -16.10 16.97 16.46
N ASN D 50 -15.49 16.15 17.32
CA ASN D 50 -15.57 16.30 18.77
C ASN D 50 -14.31 17.02 19.28
N LYS D 51 -14.49 18.25 19.80
CA LYS D 51 -13.38 19.16 20.11
C LYS D 51 -12.51 18.61 21.24
N LYS D 52 -13.11 17.80 22.13
CA LYS D 52 -12.39 17.16 23.22
C LYS D 52 -11.21 16.33 22.70
N ASN D 53 -11.28 15.85 21.45
CA ASN D 53 -10.24 15.02 20.85
C ASN D 53 -9.94 15.50 19.43
N LEU D 54 -9.63 16.79 19.32
CA LEU D 54 -9.70 17.50 18.04
C LEU D 54 -8.93 16.77 16.93
N ALA D 55 -7.67 16.46 17.18
CA ALA D 55 -6.79 15.97 16.13
C ALA D 55 -7.22 14.59 15.66
N LYS D 56 -7.52 13.66 16.57
CA LYS D 56 -7.92 12.30 16.23
C LYS D 56 -9.27 12.33 15.54
N SER D 57 -10.16 13.21 16.00
CA SER D 57 -11.47 13.39 15.43
C SER D 57 -11.37 13.77 13.96
N GLN D 58 -10.55 14.79 13.71
CA GLN D 58 -10.27 15.27 12.36
C GLN D 58 -9.75 14.13 11.47
N THR D 59 -8.81 13.34 12.01
CA THR D 59 -8.23 12.25 11.25
C THR D 59 -9.29 11.20 10.90
N LEU D 60 -10.09 10.75 11.89
CA LEU D 60 -11.11 9.72 11.66
C LEU D 60 -12.16 10.21 10.67
N LEU D 61 -12.66 11.45 10.82
CA LEU D 61 -13.69 11.92 9.90
C LEU D 61 -13.14 11.93 8.46
N GLY D 62 -11.89 12.38 8.31
CA GLY D 62 -11.23 12.38 7.00
C GLY D 62 -11.19 10.99 6.37
N LYS D 63 -10.81 10.00 7.18
CA LYS D 63 -10.71 8.63 6.72
C LYS D 63 -12.11 8.09 6.36
N GLU D 64 -13.10 8.43 7.18
CA GLU D 64 -14.45 7.93 6.95
C GLU D 64 -14.98 8.44 5.61
N ILE D 65 -14.70 9.71 5.26
CA ILE D 65 -15.09 10.25 3.96
C ILE D 65 -14.54 9.37 2.83
N LYS D 66 -13.26 8.98 2.94
CA LYS D 66 -12.61 8.23 1.87
C LYS D 66 -13.25 6.85 1.68
N ILE D 67 -13.61 6.19 2.77
CA ILE D 67 -14.30 4.91 2.72
C ILE D 67 -15.74 5.11 2.21
N LEU D 68 -16.53 5.97 2.85
CA LEU D 68 -17.96 6.02 2.59
C LEU D 68 -18.25 6.45 1.16
N LYS D 69 -17.38 7.26 0.54
CA LYS D 69 -17.66 7.71 -0.81
C LYS D 69 -17.55 6.56 -1.79
N GLU D 70 -16.98 5.41 -1.39
CA GLU D 70 -16.89 4.28 -2.27
C GLU D 70 -18.02 3.28 -2.03
N LEU D 71 -18.95 3.57 -1.11
CA LEU D 71 -19.94 2.57 -0.71
C LEU D 71 -21.34 3.09 -0.96
N LYS D 72 -21.99 2.58 -2.02
CA LYS D 72 -23.37 2.96 -2.27
C LYS D 72 -24.22 1.70 -2.23
N HIS D 73 -24.98 1.56 -1.14
CA HIS D 73 -25.80 0.38 -0.92
C HIS D 73 -26.98 0.77 -0.03
N GLU D 74 -28.13 0.13 -0.28
CA GLU D 74 -29.32 0.40 0.49
C GLU D 74 -29.13 0.14 1.99
N ASN D 75 -28.21 -0.76 2.36
CA ASN D 75 -28.04 -1.12 3.75
C ASN D 75 -26.75 -0.53 4.34
N ILE D 76 -26.19 0.49 3.68
CA ILE D 76 -25.13 1.29 4.26
C ILE D 76 -25.56 2.74 4.24
N VAL D 77 -25.44 3.43 5.37
CA VAL D 77 -25.84 4.83 5.44
CA VAL D 77 -25.82 4.85 5.45
C VAL D 77 -25.09 5.62 4.38
N ALA D 78 -25.80 6.44 3.62
CA ALA D 78 -25.23 7.07 2.45
C ALA D 78 -24.58 8.38 2.86
N LEU D 79 -23.49 8.69 2.16
CA LEU D 79 -22.82 9.99 2.23
C LEU D 79 -23.36 10.86 1.12
N TYR D 80 -24.10 11.91 1.48
CA TYR D 80 -24.66 12.82 0.48
C TYR D 80 -23.60 13.84 0.09
N ASP D 81 -22.88 14.37 1.08
CA ASP D 81 -21.89 15.38 0.82
C ASP D 81 -20.97 15.44 2.03
N PHE D 82 -19.90 16.21 1.89
CA PHE D 82 -18.94 16.39 2.96
C PHE D 82 -18.18 17.68 2.70
N GLN D 83 -17.51 18.15 3.76
CA GLN D 83 -16.65 19.29 3.60
C GLN D 83 -15.42 19.14 4.48
N GLU D 84 -14.27 19.01 3.85
CA GLU D 84 -13.03 18.85 4.58
C GLU D 84 -12.10 20.04 4.30
N MET D 85 -11.60 20.64 5.39
CA MET D 85 -10.70 21.77 5.36
C MET D 85 -9.58 21.51 6.36
N ALA D 86 -8.63 22.44 6.46
CA ALA D 86 -7.50 22.21 7.33
C ALA D 86 -7.96 22.10 8.78
N ASN D 87 -8.98 22.85 9.17
CA ASN D 87 -9.30 23.01 10.57
C ASN D 87 -10.73 22.57 10.89
N SER D 88 -11.46 22.04 9.91
CA SER D 88 -12.83 21.62 10.16
C SER D 88 -13.18 20.53 9.16
N VAL D 89 -14.04 19.59 9.56
CA VAL D 89 -14.54 18.56 8.66
C VAL D 89 -15.97 18.19 9.03
N TYR D 90 -16.81 17.97 8.02
CA TYR D 90 -18.22 17.64 8.17
C TYR D 90 -18.58 16.51 7.21
N LEU D 91 -19.41 15.57 7.68
CA LEU D 91 -20.01 14.61 6.77
C LEU D 91 -21.52 14.82 6.82
N VAL D 92 -22.13 14.92 5.64
CA VAL D 92 -23.58 15.02 5.54
C VAL D 92 -24.10 13.67 5.07
N MET D 93 -24.83 13.01 5.96
CA MET D 93 -25.29 11.67 5.68
C MET D 93 -26.81 11.52 5.75
N GLU D 94 -27.26 10.44 5.10
CA GLU D 94 -28.59 9.88 5.25
C GLU D 94 -28.98 9.88 6.73
N TYR D 95 -30.18 10.39 7.00
CA TYR D 95 -30.82 10.28 8.30
C TYR D 95 -31.63 8.98 8.35
N CYS D 96 -31.40 8.19 9.40
CA CYS D 96 -32.16 6.97 9.60
C CYS D 96 -33.25 7.24 10.64
N ASN D 97 -34.51 7.27 10.17
CA ASN D 97 -35.58 7.83 10.99
C ASN D 97 -36.05 6.82 12.04
N GLY D 98 -35.57 5.57 12.00
CA GLY D 98 -36.02 4.55 12.96
C GLY D 98 -35.16 4.45 14.24
N GLY D 99 -34.10 5.26 14.34
CA GLY D 99 -33.15 5.13 15.44
C GLY D 99 -32.23 3.92 15.27
N ASP D 100 -31.62 3.48 16.38
CA ASP D 100 -30.66 2.39 16.33
C ASP D 100 -31.27 1.09 16.88
N LEU D 101 -30.54 0.01 16.62
CA LEU D 101 -30.97 -1.31 17.04
C LEU D 101 -30.89 -1.40 18.56
N ALA D 102 -29.92 -0.71 19.18
CA ALA D 102 -29.83 -0.77 20.63
C ALA D 102 -31.13 -0.31 21.30
N ASP D 103 -31.72 0.81 20.84
CA ASP D 103 -32.94 1.32 21.44
C ASP D 103 -34.10 0.35 21.20
N TYR D 104 -34.17 -0.21 19.99
CA TYR D 104 -35.21 -1.14 19.63
C TYR D 104 -35.16 -2.38 20.52
N LEU D 105 -33.94 -2.86 20.82
CA LEU D 105 -33.72 -4.01 21.68
CA LEU D 105 -33.76 -4.02 21.68
C LEU D 105 -34.08 -3.68 23.14
N HIS D 106 -33.76 -2.47 23.58
CA HIS D 106 -34.14 -2.03 24.90
C HIS D 106 -35.67 -2.14 25.05
N ALA D 107 -36.43 -1.85 24.00
CA ALA D 107 -37.87 -1.87 24.12
C ALA D 107 -38.42 -3.29 23.96
N MET D 108 -37.92 -4.04 22.98
CA MET D 108 -38.43 -5.36 22.67
C MET D 108 -37.87 -6.42 23.61
N ARG D 109 -36.66 -6.21 24.18
CA ARG D 109 -35.94 -7.18 25.01
C ARG D 109 -35.34 -8.29 24.15
N THR D 110 -36.16 -8.93 23.32
CA THR D 110 -35.67 -9.93 22.40
C THR D 110 -36.48 -9.82 21.12
N LEU D 111 -35.89 -10.31 20.04
CA LEU D 111 -36.52 -10.30 18.74
C LEU D 111 -36.87 -11.72 18.32
N SER D 112 -37.93 -11.86 17.54
CA SER D 112 -38.27 -13.13 16.94
C SER D 112 -37.20 -13.53 15.92
N GLU D 113 -37.14 -14.84 15.64
CA GLU D 113 -36.25 -15.34 14.59
C GLU D 113 -36.58 -14.70 13.26
N ASP D 114 -37.86 -14.41 13.00
CA ASP D 114 -38.26 -13.83 11.71
C ASP D 114 -37.71 -12.40 11.58
N THR D 115 -37.75 -11.61 12.65
CA THR D 115 -37.19 -10.28 12.63
C THR D 115 -35.67 -10.35 12.49
N ILE D 116 -35.04 -11.25 13.26
CA ILE D 116 -33.60 -11.47 13.21
C ILE D 116 -33.20 -11.81 11.77
N ARG D 117 -33.97 -12.70 11.15
CA ARG D 117 -33.65 -13.09 9.79
C ARG D 117 -33.73 -11.89 8.86
N LEU D 118 -34.80 -11.09 8.98
CA LEU D 118 -34.99 -9.93 8.14
C LEU D 118 -33.79 -8.98 8.28
N PHE D 119 -33.42 -8.71 9.52
CA PHE D 119 -32.33 -7.77 9.77
C PHE D 119 -31.01 -8.33 9.24
N LEU D 120 -30.79 -9.62 9.44
CA LEU D 120 -29.50 -10.21 9.13
C LEU D 120 -29.34 -10.40 7.63
N GLN D 121 -30.43 -10.68 6.90
CA GLN D 121 -30.36 -10.69 5.45
C GLN D 121 -29.80 -9.36 4.93
N GLN D 122 -30.24 -8.25 5.53
CA GLN D 122 -29.87 -6.93 5.07
C GLN D 122 -28.42 -6.64 5.45
N ILE D 123 -28.04 -6.95 6.70
CA ILE D 123 -26.66 -6.79 7.15
C ILE D 123 -25.75 -7.59 6.22
N ALA D 124 -26.18 -8.80 5.88
CA ALA D 124 -25.38 -9.67 5.01
C ALA D 124 -25.18 -9.03 3.64
N GLY D 125 -26.23 -8.39 3.11
CA GLY D 125 -26.12 -7.70 1.83
C GLY D 125 -25.07 -6.58 1.87
N ALA D 126 -25.06 -5.80 2.94
CA ALA D 126 -24.02 -4.78 3.13
C ALA D 126 -22.64 -5.40 3.25
N MET D 127 -22.50 -6.46 4.04
CA MET D 127 -21.22 -7.10 4.23
C MET D 127 -20.70 -7.69 2.90
N ARG D 128 -21.59 -8.07 2.02
CA ARG D 128 -21.19 -8.62 0.73
C ARG D 128 -20.45 -7.53 -0.07
N LEU D 129 -20.94 -6.29 0.01
CA LEU D 129 -20.26 -5.20 -0.65
C LEU D 129 -18.94 -4.89 0.02
N LEU D 130 -18.93 -4.75 1.36
CA LEU D 130 -17.70 -4.50 2.10
C LEU D 130 -16.64 -5.54 1.74
N HIS D 131 -17.04 -6.82 1.78
CA HIS D 131 -16.13 -7.91 1.51
C HIS D 131 -15.62 -7.83 0.07
N SER D 132 -16.49 -7.54 -0.89
CA SER D 132 -16.04 -7.47 -2.27
C SER D 132 -15.13 -6.26 -2.48
N LYS D 133 -15.30 -5.17 -1.72
CA LYS D 133 -14.45 -4.00 -1.84
C LYS D 133 -13.16 -4.15 -1.01
N GLY D 134 -13.08 -5.19 -0.17
CA GLY D 134 -11.90 -5.40 0.65
C GLY D 134 -11.87 -4.46 1.87
N ILE D 135 -13.05 -4.08 2.39
CA ILE D 135 -13.19 -3.17 3.50
C ILE D 135 -13.68 -3.93 4.74
N ILE D 136 -13.04 -3.67 5.89
CA ILE D 136 -13.49 -4.17 7.17
C ILE D 136 -13.97 -2.98 8.00
N HIS D 137 -15.06 -3.20 8.77
CA HIS D 137 -15.75 -2.12 9.46
C HIS D 137 -15.09 -1.86 10.82
N ARG D 138 -14.99 -2.90 11.66
CA ARG D 138 -14.27 -2.91 12.93
C ARG D 138 -15.04 -2.27 14.09
N ASP D 139 -16.27 -1.83 13.88
CA ASP D 139 -17.03 -1.34 15.02
C ASP D 139 -18.50 -1.70 14.90
N LEU D 140 -18.78 -2.96 14.52
CA LEU D 140 -20.17 -3.37 14.41
C LEU D 140 -20.71 -3.66 15.81
N LYS D 141 -21.86 -3.04 16.10
CA LYS D 141 -22.57 -3.17 17.36
C LYS D 141 -23.96 -2.55 17.20
N PRO D 142 -24.93 -2.84 18.09
CA PRO D 142 -26.31 -2.38 17.90
C PRO D 142 -26.47 -0.86 17.75
N GLN D 143 -25.60 -0.11 18.40
CA GLN D 143 -25.62 1.35 18.31
C GLN D 143 -25.29 1.84 16.90
N ASN D 144 -24.69 0.97 16.07
CA ASN D 144 -24.27 1.34 14.73
C ASN D 144 -25.05 0.59 13.66
N ILE D 145 -26.09 -0.15 14.07
CA ILE D 145 -27.07 -0.66 13.15
C ILE D 145 -28.31 0.22 13.26
N LEU D 146 -28.66 0.92 12.19
CA LEU D 146 -29.73 1.90 12.28
C LEU D 146 -30.93 1.41 11.47
N LEU D 147 -32.11 1.86 11.89
CA LEU D 147 -33.38 1.47 11.28
C LEU D 147 -33.91 2.65 10.46
N SER D 148 -34.50 2.33 9.32
CA SER D 148 -35.05 3.34 8.44
C SER D 148 -36.37 2.87 7.85
N ASN D 149 -37.40 3.68 7.97
CA ASN D 149 -38.67 3.48 7.29
C ASN D 149 -38.74 4.39 6.09
N PRO D 150 -38.68 3.88 4.84
CA PRO D 150 -38.66 4.74 3.67
C PRO D 150 -39.92 5.59 3.55
N ALA D 151 -39.77 6.75 2.91
CA ALA D 151 -40.89 7.53 2.41
C ALA D 151 -41.59 6.77 1.28
N GLY D 152 -42.82 7.17 0.99
CA GLY D 152 -43.53 6.74 -0.21
C GLY D 152 -44.69 5.79 0.11
N ARG D 153 -45.29 5.23 -0.95
CA ARG D 153 -46.21 4.12 -0.83
C ARG D 153 -45.39 2.85 -0.60
N ARG D 154 -45.34 2.41 0.66
CA ARG D 154 -44.55 1.26 1.06
C ARG D 154 -45.37 0.01 0.74
N ALA D 155 -45.40 -0.35 -0.55
CA ALA D 155 -46.21 -1.44 -1.05
C ALA D 155 -45.48 -2.77 -0.82
N ASN D 156 -44.15 -2.70 -0.69
CA ASN D 156 -43.31 -3.89 -0.56
C ASN D 156 -43.43 -4.46 0.87
N PRO D 157 -43.43 -5.81 1.05
CA PRO D 157 -43.53 -6.40 2.39
C PRO D 157 -42.27 -6.14 3.22
N ASN D 158 -42.42 -5.99 4.54
CA ASN D 158 -41.29 -5.78 5.42
C ASN D 158 -40.37 -4.66 4.90
N SER D 159 -40.98 -3.47 4.77
CA SER D 159 -40.35 -2.31 4.17
CA SER D 159 -40.37 -2.31 4.16
C SER D 159 -39.22 -1.74 5.02
N ILE D 160 -39.16 -2.08 6.31
CA ILE D 160 -38.14 -1.51 7.20
C ILE D 160 -36.73 -1.90 6.75
N ARG D 161 -35.82 -0.91 6.70
CA ARG D 161 -34.46 -1.12 6.24
CA ARG D 161 -34.47 -1.15 6.25
C ARG D 161 -33.52 -1.03 7.46
N VAL D 162 -32.54 -1.94 7.53
CA VAL D 162 -31.43 -1.73 8.44
C VAL D 162 -30.21 -1.24 7.63
N LYS D 163 -29.45 -0.35 8.27
CA LYS D 163 -28.30 0.30 7.64
C LYS D 163 -27.12 0.33 8.59
N ILE D 164 -25.96 -0.06 8.08
CA ILE D 164 -24.73 -0.02 8.86
C ILE D 164 -24.19 1.40 8.84
N ALA D 165 -23.86 1.89 10.04
CA ALA D 165 -23.33 3.22 10.19
C ALA D 165 -21.94 3.19 10.79
N ASP D 166 -21.29 4.37 10.78
CA ASP D 166 -20.09 4.68 11.52
C ASP D 166 -18.88 3.89 10.99
N PHE D 167 -18.29 4.42 9.91
CA PHE D 167 -17.14 3.81 9.25
C PHE D 167 -15.82 4.48 9.67
N GLY D 168 -15.81 5.11 10.85
CA GLY D 168 -14.66 5.86 11.32
C GLY D 168 -13.43 5.00 11.63
N PHE D 169 -13.64 3.72 11.95
CA PHE D 169 -12.56 2.80 12.20
C PHE D 169 -12.34 1.85 11.04
N ALA D 170 -13.07 2.04 9.94
CA ALA D 170 -12.98 1.10 8.81
C ALA D 170 -11.65 1.27 8.08
N ARG D 171 -11.22 0.20 7.39
CA ARG D 171 -10.03 0.24 6.58
C ARG D 171 -10.10 -0.79 5.45
N TYR D 172 -9.37 -0.51 4.37
CA TYR D 172 -9.03 -1.50 3.36
C TYR D 172 -8.05 -2.50 3.95
N LEU D 173 -8.27 -3.78 3.68
CA LEU D 173 -7.34 -4.82 4.02
C LEU D 173 -7.19 -5.74 2.82
N GLN D 174 -5.99 -5.79 2.28
CA GLN D 174 -5.70 -6.65 1.16
C GLN D 174 -5.87 -8.10 1.60
N SER D 175 -6.35 -8.94 0.69
CA SER D 175 -6.86 -10.26 0.99
C SER D 175 -5.77 -11.17 1.56
N ASN D 176 -4.49 -10.89 1.30
CA ASN D 176 -3.43 -11.73 1.84
C ASN D 176 -2.76 -11.11 3.07
N MET D 177 -3.34 -10.05 3.65
CA MET D 177 -2.72 -9.36 4.77
CA MET D 177 -2.73 -9.35 4.77
C MET D 177 -3.63 -9.44 5.99
N MET D 178 -3.11 -9.04 7.16
CA MET D 178 -3.87 -9.01 8.39
CA MET D 178 -3.84 -9.02 8.42
C MET D 178 -3.74 -7.63 9.02
N ALA D 179 -4.80 -7.20 9.73
CA ALA D 179 -4.77 -5.97 10.49
C ALA D 179 -4.30 -6.23 11.93
N ALA D 180 -3.87 -5.15 12.62
CA ALA D 180 -3.43 -5.27 14.00
C ALA D 180 -3.81 -4.08 14.86
N LEU D 182 -5.70 -2.01 17.42
CA LEU D 182 -6.66 -2.27 18.47
C LEU D 182 -7.73 -1.20 18.40
N CYS D 183 -8.92 -1.52 17.92
CA CYS D 183 -10.04 -0.59 17.95
C CYS D 183 -11.34 -1.37 18.00
N GLY D 184 -12.41 -0.66 18.36
CA GLY D 184 -13.75 -1.23 18.41
C GLY D 184 -14.28 -1.20 19.84
N SER D 185 -15.40 -1.89 20.07
CA SER D 185 -16.06 -1.91 21.36
C SER D 185 -15.85 -3.30 21.97
N PRO D 186 -15.16 -3.38 23.14
CA PRO D 186 -14.72 -4.67 23.68
C PRO D 186 -15.76 -5.78 23.74
N MET D 187 -17.01 -5.43 24.05
CA MET D 187 -18.03 -6.46 24.16
C MET D 187 -18.34 -7.05 22.79
N TYR D 188 -17.97 -6.36 21.70
CA TYR D 188 -18.27 -6.87 20.36
C TYR D 188 -17.02 -7.30 19.61
N MET D 189 -15.85 -7.13 20.23
CA MET D 189 -14.58 -7.42 19.57
C MET D 189 -14.38 -8.92 19.47
N ALA D 190 -13.88 -9.40 18.32
CA ALA D 190 -13.45 -10.79 18.22
C ALA D 190 -12.33 -11.04 19.22
N PRO D 191 -12.20 -12.27 19.72
CA PRO D 191 -11.10 -12.59 20.63
C PRO D 191 -9.73 -12.21 20.10
N GLU D 192 -9.48 -12.50 18.81
CA GLU D 192 -8.16 -12.18 18.26
C GLU D 192 -7.92 -10.67 18.35
N VAL D 193 -8.97 -9.85 18.26
CA VAL D 193 -8.76 -8.41 18.30
C VAL D 193 -8.40 -7.97 19.73
N ILE D 194 -9.16 -8.43 20.72
CA ILE D 194 -8.98 -7.94 22.07
C ILE D 194 -7.73 -8.55 22.69
N MET D 195 -7.30 -9.73 22.21
CA MET D 195 -6.03 -10.30 22.68
C MET D 195 -4.84 -9.71 21.91
N SER D 196 -5.02 -8.61 21.16
CA SER D 196 -3.93 -7.92 20.49
C SER D 196 -3.22 -8.80 19.46
N GLN D 197 -3.93 -9.73 18.83
CA GLN D 197 -3.35 -10.52 17.76
C GLN D 197 -3.71 -9.91 16.41
N HIS D 198 -3.12 -10.47 15.35
CA HIS D 198 -3.50 -10.11 14.00
C HIS D 198 -4.92 -10.58 13.74
N TYR D 199 -5.65 -9.87 12.87
CA TYR D 199 -7.00 -10.29 12.52
C TYR D 199 -7.32 -9.92 11.08
N ASP D 200 -8.47 -10.40 10.60
CA ASP D 200 -8.91 -10.17 9.23
C ASP D 200 -10.41 -9.88 9.24
N GLY D 201 -11.03 -10.03 8.07
CA GLY D 201 -12.43 -9.68 7.85
C GLY D 201 -13.38 -10.53 8.69
N LYS D 202 -12.90 -11.67 9.19
CA LYS D 202 -13.74 -12.54 9.99
C LYS D 202 -13.96 -11.96 11.39
N ALA D 203 -13.17 -10.98 11.80
CA ALA D 203 -13.43 -10.32 13.06
C ALA D 203 -14.83 -9.69 13.02
N ASP D 204 -15.22 -9.08 11.90
CA ASP D 204 -16.55 -8.46 11.83
C ASP D 204 -17.63 -9.54 11.97
N LEU D 205 -17.34 -10.75 11.51
CA LEU D 205 -18.35 -11.80 11.56
C LEU D 205 -18.64 -12.20 13.01
N TRP D 206 -17.61 -12.20 13.86
CA TRP D 206 -17.80 -12.43 15.29
C TRP D 206 -18.71 -11.35 15.87
N SER D 207 -18.44 -10.08 15.54
CA SER D 207 -19.25 -8.99 16.01
C SER D 207 -20.71 -9.23 15.61
N ILE D 208 -20.92 -9.62 14.35
CA ILE D 208 -22.26 -9.88 13.86
C ILE D 208 -22.90 -11.02 14.63
N GLY D 209 -22.14 -12.09 14.85
CA GLY D 209 -22.59 -13.21 15.66
C GLY D 209 -23.00 -12.76 17.05
N THR D 210 -22.24 -11.85 17.66
CA THR D 210 -22.57 -11.34 18.98
C THR D 210 -23.86 -10.54 18.91
N ILE D 211 -24.03 -9.75 17.85
CA ILE D 211 -25.24 -8.93 17.75
C ILE D 211 -26.47 -9.85 17.62
N VAL D 212 -26.33 -10.91 16.81
CA VAL D 212 -27.43 -11.82 16.58
C VAL D 212 -27.79 -12.55 17.87
N TYR D 213 -26.79 -12.99 18.62
CA TYR D 213 -27.02 -13.67 19.89
C TYR D 213 -27.79 -12.75 20.85
N GLN D 214 -27.35 -11.49 20.92
CA GLN D 214 -27.97 -10.53 21.79
C GLN D 214 -29.42 -10.28 21.40
N CYS D 215 -29.70 -10.21 20.10
CA CYS D 215 -31.07 -10.07 19.60
C CYS D 215 -31.93 -11.26 20.06
N LEU D 216 -31.39 -12.48 19.99
CA LEU D 216 -32.12 -13.70 20.28
C LEU D 216 -32.43 -13.82 21.77
N THR D 217 -31.45 -13.52 22.62
CA THR D 217 -31.50 -13.88 24.03
C THR D 217 -31.59 -12.66 24.95
N GLY D 218 -31.29 -11.46 24.42
CA GLY D 218 -31.24 -10.28 25.24
C GLY D 218 -29.98 -10.14 26.08
N LYS D 219 -28.99 -11.02 25.88
CA LYS D 219 -27.72 -10.87 26.59
C LYS D 219 -26.52 -11.13 25.67
N ALA D 220 -25.35 -10.77 26.20
CA ALA D 220 -24.06 -11.07 25.58
C ALA D 220 -23.79 -12.56 25.73
N PRO D 221 -23.19 -13.23 24.73
CA PRO D 221 -22.84 -14.65 24.90
C PRO D 221 -21.72 -14.88 25.92
N PHE D 222 -20.87 -13.90 26.15
CA PHE D 222 -19.73 -14.03 27.04
C PHE D 222 -19.62 -12.76 27.86
N GLN D 223 -20.07 -12.87 29.12
CA GLN D 223 -20.27 -11.71 29.98
C GLN D 223 -19.04 -11.54 30.87
N ALA D 224 -18.70 -10.28 31.17
CA ALA D 224 -17.61 -10.01 32.08
C ALA D 224 -17.83 -8.64 32.69
N SER D 225 -17.10 -8.39 33.79
CA SER D 225 -17.21 -7.19 34.57
C SER D 225 -16.59 -6.01 33.84
N SER D 226 -15.61 -6.30 32.97
CA SER D 226 -14.78 -5.28 32.36
C SER D 226 -14.15 -5.81 31.06
N PRO D 227 -13.70 -4.90 30.16
CA PRO D 227 -12.83 -5.29 29.03
C PRO D 227 -11.70 -6.25 29.39
N GLN D 228 -10.95 -5.95 30.46
CA GLN D 228 -9.81 -6.74 30.91
C GLN D 228 -10.27 -8.15 31.29
N ASP D 229 -11.41 -8.24 31.98
CA ASP D 229 -11.95 -9.53 32.42
C ASP D 229 -12.33 -10.36 31.21
N LEU D 230 -12.97 -9.70 30.22
CA LEU D 230 -13.39 -10.38 28.99
C LEU D 230 -12.15 -10.91 28.28
N ARG D 231 -11.10 -10.07 28.19
CA ARG D 231 -9.85 -10.49 27.57
C ARG D 231 -9.29 -11.74 28.26
N LEU D 232 -9.21 -11.70 29.59
CA LEU D 232 -8.66 -12.81 30.37
C LEU D 232 -9.53 -14.06 30.19
N PHE D 233 -10.85 -13.86 30.13
CA PHE D 233 -11.76 -14.95 29.85
C PHE D 233 -11.37 -15.63 28.54
N TYR D 234 -11.19 -14.86 27.46
CA TYR D 234 -10.91 -15.45 26.16
C TYR D 234 -9.55 -16.17 26.19
N GLU D 235 -8.57 -15.54 26.86
CA GLU D 235 -7.23 -16.10 27.01
C GLU D 235 -7.29 -17.50 27.63
N LYS D 236 -8.04 -17.66 28.73
CA LYS D 236 -8.05 -18.88 29.52
C LYS D 236 -8.87 -20.00 28.88
N ASN D 237 -9.81 -19.66 28.01
CA ASN D 237 -10.75 -20.63 27.48
C ASN D 237 -10.48 -20.86 26.00
N LYS D 238 -9.85 -22.00 25.71
CA LYS D 238 -9.38 -22.30 24.37
C LYS D 238 -10.55 -22.72 23.48
N THR D 239 -11.58 -23.34 24.05
CA THR D 239 -12.86 -23.48 23.36
C THR D 239 -13.84 -22.49 23.98
N LEU D 240 -14.70 -21.91 23.15
CA LEU D 240 -15.80 -21.09 23.63
C LEU D 240 -17.09 -21.66 23.08
N VAL D 241 -18.03 -22.01 23.97
CA VAL D 241 -19.32 -22.44 23.47
C VAL D 241 -20.39 -21.53 24.08
N PRO D 242 -21.12 -20.76 23.25
CA PRO D 242 -22.18 -19.91 23.78
C PRO D 242 -23.38 -20.79 24.15
N THR D 243 -24.10 -20.41 25.20
CA THR D 243 -25.32 -21.09 25.57
C THR D 243 -26.46 -20.66 24.66
N ILE D 244 -26.99 -21.59 23.87
CA ILE D 244 -28.10 -21.32 22.99
C ILE D 244 -29.39 -21.94 23.52
N PRO D 245 -30.50 -21.16 23.68
CA PRO D 245 -31.78 -21.71 24.12
C PRO D 245 -32.23 -22.90 23.28
N ALA D 246 -32.85 -23.87 23.96
CA ALA D 246 -33.29 -25.11 23.39
C ALA D 246 -34.29 -24.85 22.26
N ALA D 247 -35.12 -23.81 22.42
CA ALA D 247 -36.16 -23.49 21.45
C ALA D 247 -35.59 -22.97 20.11
N THR D 248 -34.31 -22.58 20.08
CA THR D 248 -33.73 -21.97 18.90
C THR D 248 -33.85 -22.94 17.74
N SER D 249 -34.21 -22.44 16.55
CA SER D 249 -34.24 -23.26 15.36
C SER D 249 -32.84 -23.78 15.05
N ALA D 250 -32.80 -24.88 14.29
CA ALA D 250 -31.56 -25.60 14.03
C ALA D 250 -30.64 -24.73 13.18
N PRO D 251 -31.12 -24.09 12.09
CA PRO D 251 -30.25 -23.22 11.29
C PRO D 251 -29.70 -22.03 12.08
N LEU D 252 -30.51 -21.42 12.97
CA LEU D 252 -30.00 -20.29 13.73
C LEU D 252 -28.93 -20.76 14.72
N ARG D 253 -29.15 -21.91 15.36
CA ARG D 253 -28.15 -22.48 16.24
C ARG D 253 -26.84 -22.73 15.47
N GLN D 254 -26.94 -23.37 14.29
CA GLN D 254 -25.74 -23.68 13.51
C GLN D 254 -24.98 -22.38 13.16
N LEU D 255 -25.73 -21.33 12.77
CA LEU D 255 -25.13 -20.06 12.38
C LEU D 255 -24.40 -19.44 13.56
N LEU D 256 -25.05 -19.44 14.73
CA LEU D 256 -24.45 -18.83 15.89
C LEU D 256 -23.20 -19.56 16.34
N LEU D 257 -23.20 -20.90 16.29
CA LEU D 257 -22.05 -21.66 16.76
C LEU D 257 -20.88 -21.45 15.79
N ALA D 258 -21.18 -21.32 14.49
CA ALA D 258 -20.15 -21.11 13.48
C ALA D 258 -19.60 -19.67 13.48
N LEU D 259 -20.43 -18.65 13.78
CA LEU D 259 -19.95 -17.27 13.91
C LEU D 259 -19.19 -17.07 15.21
N LEU D 260 -19.65 -17.66 16.31
CA LEU D 260 -19.00 -17.41 17.58
C LEU D 260 -17.96 -18.49 17.87
N GLN D 261 -17.06 -18.69 16.91
CA GLN D 261 -15.85 -19.48 17.12
C GLN D 261 -14.70 -18.59 17.54
N ARG D 262 -14.06 -18.97 18.63
CA ARG D 262 -12.99 -18.21 19.26
C ARG D 262 -11.84 -17.99 18.28
N ASN D 263 -11.50 -19.04 17.54
CA ASN D 263 -10.35 -19.03 16.67
C ASN D 263 -10.80 -18.71 15.26
N HIS D 264 -10.21 -17.65 14.70
CA HIS D 264 -10.68 -17.12 13.43
C HIS D 264 -10.50 -18.15 12.31
N LYS D 265 -9.47 -19.01 12.38
CA LYS D 265 -9.32 -20.07 11.37
C LYS D 265 -10.54 -20.97 11.32
N ASP D 266 -11.18 -21.25 12.46
CA ASP D 266 -12.34 -22.12 12.53
C ASP D 266 -13.64 -21.39 12.20
N ARG D 267 -13.64 -20.06 12.23
CA ARG D 267 -14.88 -19.29 12.16
C ARG D 267 -15.48 -19.35 10.76
N MET D 268 -16.80 -19.31 10.69
CA MET D 268 -17.51 -19.18 9.42
C MET D 268 -16.83 -18.15 8.52
N ASP D 269 -16.72 -18.46 7.23
CA ASP D 269 -16.17 -17.50 6.28
C ASP D 269 -17.33 -16.83 5.52
N PHE D 270 -16.97 -15.86 4.67
CA PHE D 270 -17.97 -14.95 4.13
C PHE D 270 -18.95 -15.70 3.24
N ASP D 271 -18.44 -16.59 2.41
CA ASP D 271 -19.28 -17.30 1.48
C ASP D 271 -20.29 -18.17 2.23
N GLU D 272 -19.85 -18.86 3.29
CA GLU D 272 -20.76 -19.66 4.07
C GLU D 272 -21.82 -18.74 4.68
N PHE D 273 -21.42 -17.55 5.14
CA PHE D 273 -22.34 -16.66 5.82
C PHE D 273 -23.42 -16.19 4.86
N PHE D 274 -22.98 -15.74 3.67
CA PHE D 274 -23.89 -15.15 2.70
C PHE D 274 -24.92 -16.17 2.22
N HIS D 275 -24.55 -17.45 2.18
CA HIS D 275 -25.42 -18.50 1.65
C HIS D 275 -26.00 -19.35 2.78
N HIS D 276 -25.93 -18.89 4.03
CA HIS D 276 -26.32 -19.75 5.14
C HIS D 276 -27.82 -20.04 5.07
N PRO D 277 -28.25 -21.30 5.33
CA PRO D 277 -29.68 -21.63 5.29
C PRO D 277 -30.59 -20.76 6.18
N PHE D 278 -30.08 -20.24 7.30
CA PHE D 278 -30.89 -19.38 8.15
C PHE D 278 -31.39 -18.17 7.38
N LEU D 279 -30.63 -17.71 6.37
CA LEU D 279 -31.00 -16.52 5.60
C LEU D 279 -31.97 -16.83 4.46
N ASP D 280 -32.31 -18.09 4.18
CA ASP D 280 -33.21 -18.38 3.06
C ASP D 280 -34.62 -17.91 3.37
N ALA D 281 -35.31 -17.47 2.30
CA ALA D 281 -36.72 -17.10 2.34
C ALA D 281 -37.62 -18.35 2.34
#